data_5UG0
#
_entry.id   5UG0
#
_cell.length_a   142.200
_cell.length_b   142.200
_cell.length_c   200.410
_cell.angle_alpha   90.000
_cell.angle_beta   90.000
_cell.angle_gamma   120.000
#
_symmetry.space_group_name_H-M   'P 3 2 1'
#
loop_
_entity.id
_entity.type
_entity.pdbx_description
1 polymer 'Hemagglutinin HA1'
2 polymer 'Hemagglutinin HA2'
3 polymer '2897 light chain'
4 polymer '2897 heavy chain'
5 branched beta-D-mannopyranose-(1-4)-2-acetamido-2-deoxy-beta-D-glucopyranose-(1-4)-2-acetamido-2-deoxy-beta-D-glucopyranose
6 branched 2-acetamido-2-deoxy-beta-D-glucopyranose-(1-4)-2-acetamido-2-deoxy-beta-D-glucopyranose
7 non-polymer 2-acetamido-2-deoxy-beta-D-glucopyranose
#
loop_
_entity_poly.entity_id
_entity_poly.type
_entity_poly.pdbx_seq_one_letter_code
_entity_poly.pdbx_strand_id
1 'polypeptide(L)'
;EDTICIGYHANNSTDTVDTVLEKNVTVTHSVNLLEDSHNGKLCLLKGIAPLQLGNCSVAGWILGNPECELLISRESWSYI
VEKPNPENGTCYPGHFADYEELREQLSSVSSFERFEIFPKESSWPNHTTTGVSASCSHNGESSFYKNLLWLTGKNGLYPN
LSKSYANNKEKEVLVLWGVHHPPNIGDQRALYHTENAYVSVVSSHYSRKFTPEIAKRPKVRDREGRINYYWTLLEPGDTI
IFEANGNLIAPRYAFALSRGFGSGIINSNAPMDECDAKCQTPQGAINSSLPFQNVHPVTIGECPKYVRSAKLRMVTGLRN
IPSIQSR
;
A
2 'polypeptide(L)'
;GLFGAIAGFIEGGWTGMVDGWYGYHHQNEQGSGYAADQKSTQNAINGITNKVNSVIEKMNTQFTAVGKEFNKLERRMENL
NKKVDDGFIDIWTYNAELLVLLENERTLDFHDSNVKNLYEKVKSQLKNNAKEIGNGCFEFYHKCNDECMESVKNGTYDYP
KYSEESKLNREKIDGVRSLVPR
;
B
3 'polypeptide(L)'
;EIVLTQSPGTLSLSPGEKATLSCRASQSVSSYYLGWYQQKPGQAPRLLIYETSRRATGIPDRFSGSGSGTDFTLTISGLE
PEDFAVYYCQHYGVSPVITFGGGTKVEIKRTVAAPSVFIFPPSDEQLKSGTASVVCLLNNFYPREAKVQWKVDNALQSGN
SQESVTEQDSKDSTYSLSSTLTLSKADYEKHKVYACEVTHQGLSSPVTKSFNRGEC
;
C
4 'polypeptide(L)'
;EVQLVESGGGLVQPGGSLRLSCAASGFTFNIYDMHWVRQAPGKGLEWVSSITTAGDTYYPGSVKGRFTTSRENAKNSLYL
QMNSLRAGDTGVYYCTRGVREVGATGDDPFYYGMYVWGQGTTVTVSGASTKGPSVFPLAPSSKSTSGGTAALGCLVKDYF
PEPVTVSWNSGALTSGVHTFPAVLQSSGLYSLSSVVTVPSSSLGTQTYICNVNHKPSNTKVDKRVEPKSCDK
;
D
#
# COMPACT_ATOMS: atom_id res chain seq x y z
N GLU A 1 -19.66 -52.48 80.65
CA GLU A 1 -18.53 -51.75 81.21
C GLU A 1 -18.20 -50.52 80.37
N ASP A 2 -17.73 -49.43 81.04
CA ASP A 2 -17.38 -48.14 80.42
C ASP A 2 -15.96 -48.06 79.82
N THR A 3 -15.84 -47.49 78.60
CA THR A 3 -14.56 -47.30 77.88
C THR A 3 -14.35 -45.86 77.38
N ILE A 4 -13.15 -45.59 76.81
CA ILE A 4 -12.71 -44.31 76.22
C ILE A 4 -11.66 -44.62 75.16
N CYS A 5 -11.71 -43.94 74.01
CA CYS A 5 -10.76 -44.19 72.91
C CYS A 5 -10.16 -42.92 72.29
N ILE A 6 -8.90 -43.02 71.78
CA ILE A 6 -8.16 -41.95 71.09
C ILE A 6 -7.97 -42.42 69.66
N GLY A 7 -8.37 -41.59 68.70
CA GLY A 7 -8.27 -41.93 67.29
C GLY A 7 -8.24 -40.78 66.31
N TYR A 8 -7.61 -41.02 65.17
CA TYR A 8 -7.48 -40.01 64.13
C TYR A 8 -8.65 -40.05 63.14
N HIS A 9 -8.81 -38.93 62.39
CA HIS A 9 -9.83 -38.69 61.38
C HIS A 9 -9.60 -39.53 60.11
N ALA A 10 -10.65 -39.70 59.31
CA ALA A 10 -10.68 -40.42 58.04
C ALA A 10 -11.96 -40.05 57.30
N ASN A 11 -11.86 -39.86 55.97
CA ASN A 11 -12.97 -39.50 55.08
C ASN A 11 -12.89 -40.18 53.71
N ASN A 12 -13.69 -39.70 52.75
CA ASN A 12 -13.72 -40.23 51.39
C ASN A 12 -12.99 -39.26 50.48
N SER A 13 -11.67 -39.32 50.51
CA SER A 13 -10.82 -38.49 49.69
C SER A 13 -9.90 -39.39 48.89
N THR A 14 -9.65 -39.05 47.60
CA THR A 14 -8.79 -39.81 46.68
C THR A 14 -7.46 -39.09 46.42
N ASP A 15 -7.23 -37.94 47.09
CA ASP A 15 -6.03 -37.11 46.99
C ASP A 15 -4.76 -37.90 47.35
N THR A 16 -3.95 -38.28 46.33
CA THR A 16 -2.70 -39.03 46.52
C THR A 16 -1.52 -38.10 46.44
N VAL A 17 -0.75 -38.02 47.53
CA VAL A 17 0.47 -37.21 47.63
C VAL A 17 1.69 -38.15 47.61
N ASP A 18 2.92 -37.61 47.62
CA ASP A 18 4.12 -38.46 47.61
C ASP A 18 5.15 -37.99 48.63
N THR A 19 5.99 -38.92 49.13
CA THR A 19 7.05 -38.64 50.09
C THR A 19 8.40 -39.18 49.60
N VAL A 20 9.38 -39.20 50.51
CA VAL A 20 10.74 -39.70 50.30
C VAL A 20 10.68 -41.25 50.28
N LEU A 21 10.05 -41.87 51.33
CA LEU A 21 9.93 -43.32 51.54
C LEU A 21 8.71 -43.97 50.89
N GLU A 22 7.60 -43.20 50.79
CA GLU A 22 6.34 -43.67 50.24
C GLU A 22 5.89 -42.85 49.05
N LYS A 23 5.10 -43.47 48.15
CA LYS A 23 4.54 -42.82 46.96
C LYS A 23 3.11 -43.31 46.68
N ASN A 24 2.24 -42.39 46.14
CA ASN A 24 0.81 -42.60 45.86
C ASN A 24 0.10 -42.99 47.18
N VAL A 25 0.29 -42.16 48.21
CA VAL A 25 -0.26 -42.33 49.56
C VAL A 25 -1.52 -41.48 49.65
N THR A 26 -2.71 -42.11 49.61
CA THR A 26 -4.01 -41.43 49.67
C THR A 26 -4.15 -40.74 51.03
N VAL A 27 -4.61 -39.46 51.04
CA VAL A 27 -4.73 -38.66 52.26
C VAL A 27 -6.08 -37.96 52.39
N THR A 28 -6.48 -37.61 53.63
CA THR A 28 -7.73 -36.92 54.00
C THR A 28 -7.78 -35.53 53.36
N HIS A 29 -6.74 -34.73 53.59
CA HIS A 29 -6.65 -33.37 53.06
C HIS A 29 -5.30 -33.11 52.44
N SER A 30 -5.24 -32.20 51.46
CA SER A 30 -4.01 -31.86 50.75
C SER A 30 -4.21 -30.58 49.97
N VAL A 31 -3.11 -29.87 49.68
CA VAL A 31 -3.16 -28.63 48.90
C VAL A 31 -2.15 -28.68 47.72
N ASN A 32 -2.60 -28.23 46.53
CA ASN A 32 -1.85 -28.18 45.26
C ASN A 32 -1.00 -26.89 45.16
N LEU A 33 0.13 -26.96 44.41
CA LEU A 33 1.07 -25.85 44.22
C LEU A 33 1.38 -25.58 42.74
N LEU A 34 1.00 -26.52 41.87
CA LEU A 34 1.23 -26.44 40.45
C LEU A 34 0.01 -25.92 39.68
N GLU A 35 0.25 -24.97 38.77
CA GLU A 35 -0.80 -24.40 37.95
C GLU A 35 -0.70 -24.89 36.50
N ASP A 36 -1.85 -25.30 35.94
CA ASP A 36 -1.99 -25.80 34.56
C ASP A 36 -3.16 -25.08 33.83
N SER A 37 -3.71 -24.00 34.45
CA SER A 37 -4.85 -23.26 33.90
C SER A 37 -4.49 -21.96 33.12
N HIS A 38 -4.53 -22.10 31.79
CA HIS A 38 -4.35 -21.02 30.82
C HIS A 38 -5.66 -20.92 30.04
N ASN A 39 -6.23 -19.72 29.99
CA ASN A 39 -7.51 -19.47 29.33
C ASN A 39 -7.41 -19.34 27.79
N GLY A 40 -6.19 -19.46 27.25
CA GLY A 40 -5.91 -19.36 25.81
C GLY A 40 -6.22 -18.01 25.21
N LYS A 41 -6.50 -17.02 26.08
CA LYS A 41 -6.85 -15.66 25.71
C LYS A 41 -5.80 -14.67 26.21
N LEU A 42 -5.38 -13.75 25.33
CA LEU A 42 -4.43 -12.70 25.67
C LEU A 42 -5.22 -11.59 26.36
N CYS A 43 -4.98 -11.38 27.65
CA CYS A 43 -5.73 -10.37 28.37
C CYS A 43 -4.89 -9.13 28.54
N LEU A 44 -5.51 -8.03 28.98
CA LEU A 44 -4.79 -6.79 29.24
C LEU A 44 -4.18 -6.85 30.62
N LEU A 45 -2.86 -6.96 30.66
CA LEU A 45 -2.08 -6.98 31.88
C LEU A 45 -2.16 -5.57 32.49
N LYS A 46 -2.39 -5.49 33.83
CA LYS A 46 -2.55 -4.24 34.62
C LYS A 46 -3.90 -3.54 34.33
N GLY A 47 -4.30 -3.57 33.08
CA GLY A 47 -5.50 -2.93 32.54
C GLY A 47 -5.14 -2.21 31.25
N ILE A 48 -3.84 -2.27 30.94
CA ILE A 48 -3.26 -1.65 29.76
C ILE A 48 -3.32 -2.65 28.60
N ALA A 49 -4.14 -2.35 27.58
CA ALA A 49 -4.29 -3.22 26.42
C ALA A 49 -2.94 -3.31 25.69
N PRO A 50 -2.44 -4.52 25.41
CA PRO A 50 -1.11 -4.63 24.77
C PRO A 50 -1.11 -4.32 23.27
N LEU A 51 0.10 -4.23 22.69
CA LEU A 51 0.26 -3.95 21.27
C LEU A 51 0.19 -5.21 20.40
N GLN A 52 -0.97 -5.42 19.75
CA GLN A 52 -1.26 -6.53 18.85
C GLN A 52 -0.84 -6.10 17.41
N LEU A 53 0.45 -6.32 17.06
CA LEU A 53 1.04 -5.97 15.76
C LEU A 53 0.35 -6.59 14.54
N GLY A 54 -0.13 -7.83 14.67
CA GLY A 54 -0.79 -8.56 13.59
C GLY A 54 0.21 -9.18 12.64
N ASN A 55 -0.11 -9.22 11.32
CA ASN A 55 0.74 -9.78 10.24
C ASN A 55 2.12 -9.07 10.15
N CYS A 56 2.31 -7.98 10.92
CA CYS A 56 3.53 -7.18 10.96
C CYS A 56 4.58 -7.70 11.93
N SER A 57 5.80 -7.21 11.72
CA SER A 57 6.99 -7.46 12.51
C SER A 57 7.34 -6.17 13.20
N VAL A 58 8.28 -6.23 14.16
CA VAL A 58 8.79 -5.09 14.90
C VAL A 58 9.33 -4.08 13.92
N ALA A 59 10.20 -4.53 12.98
CA ALA A 59 10.77 -3.66 11.94
C ALA A 59 9.66 -2.98 11.16
N GLY A 60 8.74 -3.79 10.62
CA GLY A 60 7.59 -3.35 9.84
C GLY A 60 6.87 -2.22 10.53
N TRP A 61 6.43 -2.49 11.76
CA TRP A 61 5.72 -1.57 12.63
C TRP A 61 6.41 -0.20 12.79
N ILE A 62 7.66 -0.15 13.32
CA ILE A 62 8.39 1.11 13.54
C ILE A 62 8.84 1.85 12.28
N LEU A 63 9.12 1.13 11.19
CA LEU A 63 9.53 1.83 9.99
C LEU A 63 8.33 2.42 9.27
N GLY A 64 7.16 1.85 9.53
CA GLY A 64 5.91 2.33 8.95
C GLY A 64 5.55 1.73 7.60
N ASN A 65 5.60 0.39 7.52
CA ASN A 65 5.20 -0.35 6.33
C ASN A 65 3.79 0.12 5.98
N PRO A 66 3.47 0.34 4.70
CA PRO A 66 2.14 0.88 4.35
C PRO A 66 0.98 0.02 4.78
N GLU A 67 1.24 -1.19 5.24
CA GLU A 67 0.18 -2.09 5.70
C GLU A 67 -0.04 -1.96 7.21
N CYS A 68 1.04 -1.69 7.95
CA CYS A 68 1.02 -1.57 9.40
C CYS A 68 0.41 -0.24 9.84
N GLU A 69 -0.93 -0.24 10.00
CA GLU A 69 -1.73 0.92 10.40
C GLU A 69 -2.16 0.86 11.84
N LEU A 70 -1.27 1.27 12.72
CA LEU A 70 -1.46 1.28 14.16
C LEU A 70 -0.67 2.47 14.78
N LEU A 71 -0.21 3.42 13.93
CA LEU A 71 0.51 4.64 14.34
C LEU A 71 -0.34 5.57 15.25
N ILE A 72 -1.56 5.11 15.63
CA ILE A 72 -2.57 5.82 16.46
C ILE A 72 -2.12 5.97 17.96
N SER A 73 -3.11 6.04 18.92
CA SER A 73 -2.91 6.13 20.38
C SER A 73 -2.15 4.90 20.91
N ARG A 74 -1.72 4.06 19.94
CA ARG A 74 -0.84 2.93 20.13
C ARG A 74 0.53 3.58 20.18
N GLU A 75 0.76 4.13 21.38
CA GLU A 75 1.90 4.85 21.94
C GLU A 75 2.01 4.34 23.36
N SER A 76 0.89 3.79 23.91
CA SER A 76 0.84 3.21 25.26
C SER A 76 0.42 1.73 25.30
N TRP A 77 1.35 0.85 25.64
CA TRP A 77 0.98 -0.54 25.77
C TRP A 77 1.64 -1.13 27.00
N SER A 78 1.24 -2.37 27.36
CA SER A 78 1.73 -3.14 28.51
C SER A 78 2.81 -4.10 28.10
N TYR A 79 2.64 -4.71 26.90
CA TYR A 79 3.56 -5.65 26.27
C TYR A 79 3.30 -5.72 24.74
N ILE A 80 4.20 -6.37 23.97
CA ILE A 80 4.13 -6.47 22.51
C ILE A 80 3.93 -7.92 22.03
N VAL A 81 2.93 -8.13 21.12
CA VAL A 81 2.56 -9.43 20.51
C VAL A 81 2.98 -9.47 19.04
N GLU A 82 3.74 -10.51 18.65
CA GLU A 82 4.24 -10.73 17.26
C GLU A 82 3.83 -12.12 16.79
N LYS A 83 3.39 -12.24 15.53
CA LYS A 83 3.05 -13.54 14.98
C LYS A 83 4.35 -14.27 14.62
N PRO A 84 4.60 -15.46 15.23
CA PRO A 84 5.84 -16.23 14.99
C PRO A 84 6.63 -15.93 13.71
N ASN A 85 6.00 -16.17 12.54
CA ASN A 85 6.60 -15.87 11.25
C ASN A 85 5.77 -14.71 10.70
N PRO A 86 6.19 -13.45 10.96
CA PRO A 86 5.38 -12.31 10.50
C PRO A 86 5.63 -11.97 9.04
N GLU A 87 4.57 -12.02 8.23
CA GLU A 87 4.64 -11.79 6.79
C GLU A 87 4.98 -10.35 6.36
N ASN A 88 4.59 -9.34 7.16
CA ASN A 88 4.78 -7.94 6.77
C ASN A 88 5.92 -7.23 7.53
N GLY A 89 7.13 -7.48 7.08
CA GLY A 89 8.34 -6.87 7.62
C GLY A 89 8.77 -5.72 6.74
N THR A 90 10.02 -5.78 6.21
CA THR A 90 10.60 -4.77 5.32
C THR A 90 10.13 -4.98 3.89
N CYS A 91 9.36 -4.01 3.35
CA CYS A 91 8.85 -4.11 1.98
C CYS A 91 9.99 -4.07 0.96
N TYR A 92 10.80 -2.98 0.92
CA TYR A 92 11.99 -2.90 0.07
C TYR A 92 13.03 -3.75 0.84
N PRO A 93 13.68 -4.74 0.20
CA PRO A 93 14.62 -5.59 0.94
C PRO A 93 15.89 -4.90 1.42
N GLY A 94 16.58 -5.55 2.33
CA GLY A 94 17.83 -5.07 2.88
C GLY A 94 18.15 -5.68 4.22
N HIS A 95 18.99 -4.97 4.99
CA HIS A 95 19.42 -5.42 6.30
C HIS A 95 19.15 -4.37 7.36
N PHE A 96 18.46 -4.80 8.43
CA PHE A 96 18.16 -3.94 9.56
C PHE A 96 19.28 -4.09 10.57
N ALA A 97 20.24 -3.12 10.58
CA ALA A 97 21.40 -3.14 11.47
C ALA A 97 21.07 -3.24 12.96
N ASP A 98 21.75 -4.18 13.65
CA ASP A 98 21.61 -4.44 15.08
C ASP A 98 20.15 -4.60 15.54
N TYR A 99 19.28 -5.04 14.61
CA TYR A 99 17.85 -5.25 14.80
C TYR A 99 17.50 -5.76 16.19
N GLU A 100 18.11 -6.88 16.58
CA GLU A 100 17.89 -7.56 17.85
C GLU A 100 18.00 -6.59 19.03
N GLU A 101 19.05 -5.72 19.03
CA GLU A 101 19.28 -4.77 20.12
C GLU A 101 18.09 -3.82 20.32
N LEU A 102 17.61 -3.23 19.21
CA LEU A 102 16.47 -2.33 19.19
C LEU A 102 15.23 -2.95 19.83
N ARG A 103 15.04 -4.26 19.63
CA ARG A 103 13.94 -5.02 20.18
C ARG A 103 13.97 -4.95 21.69
N GLU A 104 15.17 -4.93 22.31
CA GLU A 104 15.27 -4.82 23.76
C GLU A 104 14.96 -3.40 24.23
N GLN A 105 15.34 -2.39 23.40
CA GLN A 105 15.08 -0.99 23.69
C GLN A 105 13.57 -0.77 23.72
N LEU A 106 12.85 -1.42 22.78
CA LEU A 106 11.40 -1.38 22.65
C LEU A 106 10.74 -2.26 23.70
N SER A 107 11.42 -3.36 24.12
CA SER A 107 10.89 -4.25 25.16
C SER A 107 10.58 -3.45 26.43
N SER A 108 11.50 -2.51 26.81
CA SER A 108 11.40 -1.60 27.97
C SER A 108 10.68 -0.30 27.57
N VAL A 109 9.43 -0.37 27.10
CA VAL A 109 8.76 0.89 26.71
C VAL A 109 7.37 0.98 27.35
N SER A 110 7.14 2.10 28.05
CA SER A 110 5.86 2.46 28.69
C SER A 110 5.05 3.19 27.64
N SER A 111 5.65 4.23 27.05
CA SER A 111 5.07 5.11 26.03
C SER A 111 6.12 5.82 25.17
N PHE A 112 5.66 6.34 24.02
CA PHE A 112 6.44 7.18 23.13
C PHE A 112 5.52 8.06 22.37
N GLU A 113 6.09 8.86 21.47
CA GLU A 113 5.30 9.73 20.64
C GLU A 113 5.97 9.94 19.31
N ARG A 114 5.25 9.54 18.25
CA ARG A 114 5.63 9.64 16.85
C ARG A 114 5.50 11.11 16.42
N PHE A 115 6.57 11.69 15.85
CA PHE A 115 6.59 13.09 15.44
C PHE A 115 7.48 13.36 14.23
N GLU A 116 6.97 14.13 13.25
CA GLU A 116 7.65 14.48 11.99
C GLU A 116 8.96 15.29 12.21
N ILE A 117 10.08 14.57 12.45
CA ILE A 117 11.42 15.10 12.72
C ILE A 117 11.91 16.05 11.61
N PHE A 118 11.69 15.67 10.32
CA PHE A 118 12.05 16.42 9.12
C PHE A 118 10.84 16.42 8.18
N PRO A 119 9.88 17.37 8.34
CA PRO A 119 8.66 17.36 7.50
C PRO A 119 8.88 17.51 6.01
N LYS A 120 8.32 16.55 5.26
CA LYS A 120 8.37 16.40 3.80
C LYS A 120 8.15 17.72 3.03
N GLU A 121 6.99 18.35 3.25
CA GLU A 121 6.57 19.59 2.57
C GLU A 121 7.25 20.86 3.14
N SER A 122 8.56 20.78 3.45
CA SER A 122 9.35 21.91 3.97
C SER A 122 10.85 21.63 3.98
N SER A 123 11.27 20.69 4.85
CA SER A 123 12.65 20.29 5.13
C SER A 123 13.52 19.87 3.93
N TRP A 124 12.90 19.48 2.81
CA TRP A 124 13.65 19.09 1.63
C TRP A 124 13.27 20.00 0.46
N PRO A 125 13.89 21.21 0.39
CA PRO A 125 13.47 22.17 -0.63
C PRO A 125 13.96 21.90 -2.03
N ASN A 126 15.23 21.51 -2.19
CA ASN A 126 15.80 21.30 -3.53
C ASN A 126 16.23 19.84 -3.78
N HIS A 127 15.38 18.89 -3.30
CA HIS A 127 15.47 17.43 -3.46
C HIS A 127 14.05 16.91 -3.67
N THR A 128 13.87 15.95 -4.59
CA THR A 128 12.53 15.46 -4.88
C THR A 128 12.16 14.24 -3.94
N THR A 129 11.30 14.54 -2.96
CA THR A 129 10.86 13.64 -1.88
C THR A 129 9.87 12.54 -2.26
N THR A 130 9.22 12.68 -3.41
CA THR A 130 8.12 11.82 -3.86
C THR A 130 8.51 10.39 -4.33
N GLY A 131 9.60 9.84 -3.79
CA GLY A 131 10.07 8.50 -4.11
C GLY A 131 9.19 7.42 -3.56
N VAL A 132 8.81 6.46 -4.43
CA VAL A 132 7.88 5.36 -4.09
C VAL A 132 8.38 4.03 -4.71
N SER A 133 7.80 2.86 -4.32
CA SER A 133 8.14 1.50 -4.83
C SER A 133 6.93 0.57 -4.91
N ALA A 134 6.93 -0.33 -5.91
CA ALA A 134 5.90 -1.36 -6.12
C ALA A 134 6.04 -2.38 -5.00
N SER A 135 7.30 -2.61 -4.51
CA SER A 135 7.60 -3.53 -3.41
C SER A 135 6.91 -3.14 -2.10
N CYS A 136 6.57 -1.86 -1.94
CA CYS A 136 5.84 -1.33 -0.79
C CYS A 136 4.40 -1.03 -1.16
N SER A 137 3.77 -1.99 -1.83
CA SER A 137 2.39 -1.97 -2.32
C SER A 137 1.35 -1.84 -1.20
N HIS A 138 0.32 -1.00 -1.43
CA HIS A 138 -0.81 -0.79 -0.51
C HIS A 138 -2.11 -0.61 -1.29
N ASN A 139 -3.03 -1.61 -1.16
CA ASN A 139 -4.36 -1.68 -1.76
C ASN A 139 -4.38 -1.64 -3.32
N GLY A 140 -3.23 -1.91 -3.93
CA GLY A 140 -3.08 -1.93 -5.38
C GLY A 140 -1.97 -1.05 -5.87
N GLU A 141 -1.94 0.21 -5.40
CA GLU A 141 -0.94 1.21 -5.77
C GLU A 141 0.41 0.90 -5.15
N SER A 142 1.39 1.71 -5.49
CA SER A 142 2.71 1.59 -4.92
C SER A 142 2.80 2.61 -3.77
N SER A 143 3.61 2.35 -2.73
CA SER A 143 3.77 3.28 -1.60
C SER A 143 5.18 3.21 -1.01
N PHE A 144 5.35 3.57 0.28
CA PHE A 144 6.63 3.56 0.99
C PHE A 144 6.43 3.63 2.52
N TYR A 145 7.54 3.51 3.30
CA TYR A 145 7.59 3.57 4.76
C TYR A 145 7.16 4.94 5.29
N LYS A 146 6.04 4.99 6.03
CA LYS A 146 5.45 6.23 6.59
C LYS A 146 6.36 6.99 7.57
N ASN A 147 7.28 6.27 8.25
CA ASN A 147 8.23 6.86 9.17
C ASN A 147 9.54 7.26 8.48
N LEU A 148 9.88 6.61 7.36
CA LEU A 148 11.05 6.98 6.56
C LEU A 148 10.62 7.92 5.42
N LEU A 149 11.54 8.33 4.49
CA LEU A 149 11.25 9.25 3.37
C LEU A 149 12.32 9.09 2.28
N TRP A 150 11.93 9.05 0.98
CA TRP A 150 12.91 8.87 -0.09
C TRP A 150 13.37 10.14 -0.77
N LEU A 151 14.67 10.47 -0.64
CA LEU A 151 15.23 11.66 -1.29
C LEU A 151 15.92 11.28 -2.58
N THR A 152 15.48 11.89 -3.69
CA THR A 152 16.07 11.68 -5.02
C THR A 152 16.56 13.01 -5.60
N GLY A 153 17.26 12.95 -6.73
CA GLY A 153 17.83 14.10 -7.41
C GLY A 153 16.84 14.79 -8.32
N LYS A 154 16.77 16.13 -8.23
CA LYS A 154 15.87 16.90 -9.07
C LYS A 154 16.56 17.99 -9.87
N ASN A 155 16.06 18.25 -11.10
CA ASN A 155 16.48 19.29 -12.06
C ASN A 155 17.89 19.11 -12.61
N GLY A 156 18.87 19.29 -11.72
CA GLY A 156 20.28 19.17 -12.04
C GLY A 156 20.86 17.95 -11.36
N LEU A 157 21.01 18.05 -10.02
CA LEU A 157 21.53 17.00 -9.14
C LEU A 157 20.79 16.99 -7.76
N TYR A 158 21.25 16.05 -6.91
CA TYR A 158 21.01 15.74 -5.51
C TYR A 158 22.16 16.57 -4.86
N PRO A 159 22.01 17.90 -4.63
CA PRO A 159 23.14 18.66 -4.07
C PRO A 159 23.45 18.31 -2.63
N ASN A 160 24.60 18.78 -2.09
CA ASN A 160 25.00 18.48 -0.72
C ASN A 160 23.97 18.94 0.31
N LEU A 161 23.76 18.13 1.37
CA LEU A 161 22.80 18.41 2.46
C LEU A 161 23.39 18.23 3.85
N SER A 162 23.04 19.11 4.82
CA SER A 162 23.50 18.98 6.22
C SER A 162 22.36 19.23 7.21
N LYS A 163 21.28 18.45 7.04
CA LYS A 163 20.06 18.51 7.85
C LYS A 163 20.35 18.14 9.30
N SER A 164 19.98 19.03 10.21
CA SER A 164 20.24 18.88 11.63
C SER A 164 18.97 18.96 12.49
N TYR A 165 18.93 18.17 13.59
CA TYR A 165 17.85 18.18 14.61
C TYR A 165 18.43 18.15 16.03
N ALA A 166 18.04 19.16 16.84
CA ALA A 166 18.44 19.29 18.24
C ALA A 166 17.34 18.75 19.15
N ASN A 167 17.71 17.82 20.05
CA ASN A 167 16.78 17.19 20.98
C ASN A 167 16.28 18.13 22.08
N ASN A 168 15.11 18.71 21.82
CA ASN A 168 14.40 19.61 22.71
C ASN A 168 13.58 18.80 23.72
N LYS A 169 12.88 17.77 23.21
CA LYS A 169 11.93 16.84 23.82
C LYS A 169 12.16 16.44 25.30
N GLU A 170 13.42 16.45 25.80
CA GLU A 170 13.76 16.03 27.18
C GLU A 170 13.41 14.56 27.38
N LYS A 171 13.51 13.80 26.29
CA LYS A 171 13.27 12.36 26.20
C LYS A 171 14.24 11.79 25.16
N GLU A 172 14.52 10.47 25.20
CA GLU A 172 15.42 9.81 24.23
C GLU A 172 14.68 9.76 22.93
N VAL A 173 15.16 10.49 21.96
CA VAL A 173 14.49 10.49 20.68
C VAL A 173 15.17 9.44 19.83
N LEU A 174 14.39 8.46 19.35
CA LEU A 174 14.85 7.42 18.46
C LEU A 174 14.83 7.98 17.02
N VAL A 175 15.97 7.87 16.31
CA VAL A 175 16.10 8.30 14.91
C VAL A 175 16.36 7.07 14.06
N LEU A 176 15.65 6.95 12.93
CA LEU A 176 15.78 5.85 12.00
C LEU A 176 15.98 6.42 10.61
N TRP A 177 17.07 6.00 9.95
CA TRP A 177 17.41 6.38 8.59
C TRP A 177 17.88 5.13 7.86
N GLY A 178 17.92 5.22 6.54
CA GLY A 178 18.35 4.11 5.70
C GLY A 178 19.42 4.59 4.75
N VAL A 179 20.07 3.64 4.04
CA VAL A 179 21.11 3.93 3.04
C VAL A 179 20.80 3.01 1.85
N HIS A 180 20.56 3.58 0.65
CA HIS A 180 20.23 2.78 -0.53
C HIS A 180 21.48 2.37 -1.29
N HIS A 181 21.57 1.07 -1.60
CA HIS A 181 22.61 0.45 -2.41
C HIS A 181 21.98 -0.05 -3.73
N PRO A 182 22.18 0.70 -4.86
CA PRO A 182 21.55 0.32 -6.13
C PRO A 182 22.18 -0.90 -6.81
N PRO A 183 21.46 -1.60 -7.72
CA PRO A 183 22.05 -2.80 -8.35
C PRO A 183 22.81 -2.55 -9.64
N ASN A 184 22.52 -1.43 -10.34
CA ASN A 184 23.12 -1.10 -11.62
C ASN A 184 23.75 0.27 -11.61
N ILE A 185 24.94 0.34 -12.19
CA ILE A 185 25.82 1.50 -12.34
C ILE A 185 25.07 2.78 -12.74
N GLY A 186 24.27 2.65 -13.81
CA GLY A 186 23.49 3.73 -14.36
C GLY A 186 22.35 4.20 -13.47
N ASP A 187 21.73 3.27 -12.71
CA ASP A 187 20.65 3.63 -11.81
C ASP A 187 21.17 4.57 -10.72
N GLN A 188 22.40 4.33 -10.23
CA GLN A 188 23.06 5.17 -9.25
C GLN A 188 23.17 6.61 -9.78
N ARG A 189 23.69 6.75 -11.01
CA ARG A 189 23.86 8.03 -11.71
C ARG A 189 22.50 8.65 -12.15
N ALA A 190 21.43 7.84 -12.21
CA ALA A 190 20.11 8.33 -12.61
C ALA A 190 19.41 9.08 -11.48
N LEU A 191 19.16 8.38 -10.37
CA LEU A 191 18.44 8.90 -9.22
C LEU A 191 19.25 9.77 -8.31
N TYR A 192 20.58 9.66 -8.34
CA TYR A 192 21.42 10.43 -7.44
C TYR A 192 22.43 11.35 -8.14
N HIS A 193 22.48 11.30 -9.51
CA HIS A 193 23.33 12.08 -10.43
C HIS A 193 24.85 12.09 -10.11
N THR A 194 25.29 11.37 -9.07
CA THR A 194 26.67 11.24 -8.61
C THR A 194 27.04 9.76 -8.59
N GLU A 195 28.17 9.40 -9.20
CA GLU A 195 28.64 8.01 -9.25
C GLU A 195 29.33 7.57 -7.96
N ASN A 196 29.98 8.51 -7.24
CA ASN A 196 30.65 8.18 -5.97
C ASN A 196 30.01 8.96 -4.82
N ALA A 197 29.13 8.28 -4.03
CA ALA A 197 28.35 8.88 -2.94
C ALA A 197 28.74 8.48 -1.51
N TYR A 198 28.43 9.38 -0.55
CA TYR A 198 28.64 9.29 0.89
C TYR A 198 27.44 9.78 1.70
N VAL A 199 27.18 9.10 2.83
CA VAL A 199 26.13 9.40 3.79
C VAL A 199 26.84 9.41 5.14
N SER A 200 26.70 10.50 5.89
CA SER A 200 27.34 10.67 7.18
C SER A 200 26.29 10.95 8.23
N VAL A 201 26.32 10.20 9.33
CA VAL A 201 25.38 10.39 10.42
C VAL A 201 26.14 10.53 11.75
N VAL A 202 25.96 11.71 12.42
CA VAL A 202 26.63 12.05 13.69
C VAL A 202 25.72 12.59 14.78
N SER A 203 26.18 12.39 16.05
CA SER A 203 25.66 12.84 17.33
C SER A 203 26.89 13.19 18.15
N SER A 204 26.73 13.64 19.41
CA SER A 204 27.86 13.96 20.28
C SER A 204 28.73 12.73 20.51
N HIS A 205 28.09 11.58 20.72
CA HIS A 205 28.84 10.34 20.93
C HIS A 205 28.44 9.26 19.93
N TYR A 206 28.39 9.64 18.64
CA TYR A 206 28.10 8.76 17.52
C TYR A 206 28.67 9.30 16.22
N SER A 207 29.20 8.39 15.40
CA SER A 207 29.78 8.65 14.09
C SER A 207 29.65 7.39 13.23
N ARG A 208 29.38 7.59 11.94
CA ARG A 208 29.28 6.54 10.94
C ARG A 208 29.31 7.16 9.55
N LYS A 209 30.06 6.53 8.64
CA LYS A 209 30.19 6.95 7.25
C LYS A 209 29.83 5.77 6.36
N PHE A 210 28.84 5.99 5.51
CA PHE A 210 28.25 4.99 4.64
C PHE A 210 28.62 5.25 3.18
N THR A 211 29.19 4.24 2.53
CA THR A 211 29.53 4.30 1.11
C THR A 211 28.75 3.20 0.41
N PRO A 212 27.63 3.58 -0.24
CA PRO A 212 26.80 2.56 -0.90
C PRO A 212 27.50 2.01 -2.11
N GLU A 213 27.38 0.70 -2.36
CA GLU A 213 28.07 0.12 -3.51
C GLU A 213 27.17 -0.78 -4.34
N ILE A 214 27.31 -0.63 -5.68
CA ILE A 214 26.58 -1.34 -6.73
C ILE A 214 26.81 -2.84 -6.69
N ALA A 215 25.71 -3.60 -6.61
CA ALA A 215 25.72 -5.05 -6.62
C ALA A 215 24.40 -5.60 -7.15
N LYS A 216 24.51 -6.46 -8.17
CA LYS A 216 23.43 -7.16 -8.86
C LYS A 216 23.08 -8.42 -8.03
N ARG A 217 22.57 -8.19 -6.79
CA ARG A 217 22.21 -9.21 -5.78
C ARG A 217 20.95 -10.02 -6.15
N PRO A 218 20.74 -11.25 -5.59
CA PRO A 218 19.51 -11.99 -5.91
C PRO A 218 18.23 -11.25 -5.54
N LYS A 219 17.17 -11.44 -6.34
CA LYS A 219 15.92 -10.71 -6.22
C LYS A 219 15.04 -11.12 -5.03
N VAL A 220 15.08 -10.29 -3.99
CA VAL A 220 14.26 -10.41 -2.79
C VAL A 220 13.11 -9.40 -3.04
N ARG A 221 11.84 -9.86 -3.03
CA ARG A 221 10.65 -9.04 -3.32
C ARG A 221 10.85 -8.19 -4.61
N ASP A 222 11.38 -8.85 -5.66
CA ASP A 222 11.73 -8.29 -6.96
C ASP A 222 12.67 -7.07 -6.82
N ARG A 223 13.73 -7.17 -6.01
CA ARG A 223 14.67 -6.05 -5.97
C ARG A 223 16.09 -6.56 -5.92
N GLU A 224 16.88 -6.29 -6.97
CA GLU A 224 18.29 -6.68 -6.99
C GLU A 224 19.09 -5.70 -6.12
N GLY A 225 18.63 -4.44 -6.07
CA GLY A 225 19.18 -3.37 -5.24
C GLY A 225 18.54 -3.39 -3.87
N ARG A 226 19.24 -2.92 -2.83
CA ARG A 226 18.69 -2.96 -1.46
C ARG A 226 18.85 -1.66 -0.68
N ILE A 227 18.12 -1.53 0.43
CA ILE A 227 18.23 -0.40 1.34
C ILE A 227 18.58 -0.98 2.70
N ASN A 228 19.71 -0.55 3.27
CA ASN A 228 20.12 -1.00 4.59
C ASN A 228 19.54 0.00 5.57
N TYR A 229 18.95 -0.53 6.67
CA TYR A 229 18.28 0.26 7.70
C TYR A 229 19.14 0.36 8.94
N TYR A 230 19.24 1.59 9.48
CA TYR A 230 20.08 1.89 10.64
C TYR A 230 19.34 2.69 11.68
N TRP A 231 19.78 2.61 12.93
CA TRP A 231 19.11 3.32 14.03
C TRP A 231 20.01 3.82 15.16
N THR A 232 19.55 4.90 15.81
CA THR A 232 20.18 5.52 16.97
C THR A 232 19.16 6.18 17.89
N LEU A 233 19.60 6.49 19.11
CA LEU A 233 18.81 7.14 20.15
C LEU A 233 19.55 8.41 20.61
N LEU A 234 19.09 9.56 20.13
CA LEU A 234 19.64 10.87 20.47
C LEU A 234 19.17 11.17 21.87
N GLU A 235 20.13 11.31 22.77
CA GLU A 235 19.91 11.60 24.20
C GLU A 235 19.43 13.03 24.36
N PRO A 236 18.59 13.34 25.38
CA PRO A 236 18.08 14.73 25.52
C PRO A 236 19.23 15.72 25.63
N GLY A 237 19.24 16.69 24.71
CA GLY A 237 20.27 17.71 24.62
C GLY A 237 21.18 17.54 23.42
N ASP A 238 21.37 16.29 22.95
CA ASP A 238 22.21 15.96 21.80
C ASP A 238 21.60 16.44 20.47
N THR A 239 22.42 16.50 19.38
CA THR A 239 22.04 16.96 18.03
C THR A 239 22.48 15.96 16.94
N ILE A 240 21.55 15.60 16.02
CA ILE A 240 21.86 14.67 14.94
C ILE A 240 22.02 15.41 13.60
N ILE A 241 23.21 15.29 12.99
CA ILE A 241 23.52 15.98 11.73
C ILE A 241 23.70 14.94 10.64
N PHE A 242 23.03 15.15 9.51
CA PHE A 242 23.07 14.25 8.37
C PHE A 242 23.77 14.89 7.16
N GLU A 243 24.98 14.42 6.83
CA GLU A 243 25.71 14.91 5.64
C GLU A 243 25.53 13.87 4.54
N ALA A 244 25.22 14.32 3.30
CA ALA A 244 25.00 13.46 2.14
C ALA A 244 25.13 14.18 0.81
N ASN A 245 25.43 13.39 -0.24
CA ASN A 245 25.55 13.80 -1.64
C ASN A 245 24.81 12.77 -2.54
N GLY A 246 24.05 11.88 -1.90
CA GLY A 246 23.28 10.85 -2.56
C GLY A 246 23.00 9.64 -1.70
N ASN A 247 22.06 8.80 -2.17
CA ASN A 247 21.66 7.50 -1.63
C ASN A 247 21.16 7.50 -0.19
N LEU A 248 20.60 8.62 0.28
CA LEU A 248 20.09 8.64 1.64
C LEU A 248 18.58 8.48 1.71
N ILE A 249 18.12 7.52 2.53
CA ILE A 249 16.70 7.33 2.80
C ILE A 249 16.57 8.02 4.14
N ALA A 250 16.28 9.31 4.08
CA ALA A 250 16.15 10.19 5.23
C ALA A 250 14.94 9.84 6.13
N PRO A 251 15.02 10.10 7.47
CA PRO A 251 13.82 9.89 8.30
C PRO A 251 12.71 10.92 8.03
N ARG A 252 11.45 10.59 8.35
CA ARG A 252 10.35 11.55 8.24
C ARG A 252 9.76 11.76 9.64
N TYR A 253 9.27 10.68 10.27
CA TYR A 253 8.73 10.68 11.63
C TYR A 253 9.71 9.98 12.52
N ALA A 254 9.84 10.44 13.76
CA ALA A 254 10.73 9.86 14.77
C ALA A 254 9.91 9.39 16.00
N PHE A 255 10.57 8.89 17.06
CA PHE A 255 9.88 8.43 18.27
C PHE A 255 10.60 8.95 19.52
N ALA A 256 9.90 9.74 20.35
CA ALA A 256 10.48 10.30 21.57
C ALA A 256 9.84 9.56 22.76
N LEU A 257 10.43 8.37 23.05
CA LEU A 257 10.10 7.36 24.05
C LEU A 257 10.31 7.82 25.50
N SER A 258 9.68 7.09 26.46
CA SER A 258 9.67 7.37 27.91
C SER A 258 10.20 6.19 28.74
N ARG A 259 10.04 4.94 28.24
CA ARG A 259 10.53 3.69 28.86
C ARG A 259 9.88 3.35 30.19
N GLY A 260 10.07 2.12 30.64
CA GLY A 260 9.55 1.61 31.91
C GLY A 260 9.26 0.13 31.83
N PHE A 261 10.13 -0.71 32.47
CA PHE A 261 9.97 -2.17 32.45
C PHE A 261 8.70 -2.65 33.13
N GLY A 262 8.25 -3.80 32.64
CA GLY A 262 7.00 -4.47 32.95
C GLY A 262 6.34 -4.72 31.60
N SER A 263 7.19 -4.76 30.56
CA SER A 263 6.86 -4.93 29.15
C SER A 263 7.86 -5.91 28.47
N GLY A 264 7.44 -6.48 27.34
CA GLY A 264 8.24 -7.43 26.58
C GLY A 264 7.63 -7.91 25.27
N ILE A 265 8.42 -8.66 24.48
CA ILE A 265 8.02 -9.22 23.18
C ILE A 265 7.62 -10.69 23.34
N ILE A 266 6.35 -10.98 23.06
CA ILE A 266 5.78 -12.32 23.16
C ILE A 266 5.31 -12.83 21.81
N ASN A 267 5.64 -14.10 21.50
CA ASN A 267 5.25 -14.73 20.24
C ASN A 267 4.06 -15.64 20.49
N SER A 268 2.87 -15.16 20.11
CA SER A 268 1.63 -15.91 20.32
C SER A 268 0.67 -15.85 19.14
N ASN A 269 -0.03 -16.98 18.96
CA ASN A 269 -1.08 -17.19 17.96
C ASN A 269 -2.43 -16.82 18.56
N ALA A 270 -2.58 -17.12 19.89
CA ALA A 270 -3.75 -16.99 20.76
C ALA A 270 -4.47 -15.68 20.68
N PRO A 271 -5.83 -15.67 20.71
CA PRO A 271 -6.52 -14.40 20.51
C PRO A 271 -6.65 -13.54 21.75
N MET A 272 -6.79 -12.23 21.53
CA MET A 272 -6.98 -11.26 22.59
C MET A 272 -8.46 -11.20 22.99
N ASP A 273 -8.73 -10.94 24.28
CA ASP A 273 -10.09 -10.86 24.84
C ASP A 273 -10.30 -9.65 25.79
N GLU A 274 -11.51 -9.52 26.35
CA GLU A 274 -11.94 -8.44 27.24
C GLU A 274 -11.56 -8.64 28.73
N CYS A 275 -10.86 -9.74 29.04
CA CYS A 275 -10.38 -10.09 30.38
C CYS A 275 -9.23 -9.17 30.84
N ASP A 276 -8.89 -9.21 32.12
CA ASP A 276 -7.79 -8.45 32.71
C ASP A 276 -7.00 -9.42 33.59
N ALA A 277 -5.71 -9.57 33.28
CA ALA A 277 -4.83 -10.47 34.02
C ALA A 277 -3.75 -9.72 34.82
N LYS A 278 -2.95 -10.49 35.58
CA LYS A 278 -1.81 -10.04 36.38
C LYS A 278 -0.60 -10.80 35.83
N CYS A 279 -0.89 -11.96 35.20
CA CYS A 279 0.05 -12.89 34.59
C CYS A 279 -0.43 -13.31 33.16
N GLN A 280 0.43 -13.05 32.13
CA GLN A 280 0.18 -13.35 30.72
C GLN A 280 1.30 -14.20 30.08
N THR A 281 0.91 -15.33 29.47
CA THR A 281 1.76 -16.34 28.80
C THR A 281 1.49 -16.35 27.27
N PRO A 282 2.39 -17.01 26.44
CA PRO A 282 2.09 -17.04 25.01
C PRO A 282 0.97 -17.98 24.62
N GLN A 283 0.51 -18.81 25.57
CA GLN A 283 -0.62 -19.71 25.28
C GLN A 283 -1.83 -19.48 26.20
N GLY A 284 -1.89 -18.31 26.84
CA GLY A 284 -3.01 -17.91 27.71
C GLY A 284 -2.65 -17.01 28.89
N ALA A 285 -3.49 -17.01 29.95
CA ALA A 285 -3.30 -16.22 31.17
C ALA A 285 -3.48 -17.08 32.44
N ILE A 286 -2.81 -16.71 33.54
CA ILE A 286 -2.79 -17.45 34.82
C ILE A 286 -3.37 -16.64 36.03
N ASN A 287 -3.87 -17.38 37.07
CA ASN A 287 -4.35 -16.86 38.36
C ASN A 287 -3.24 -17.15 39.41
N SER A 288 -2.20 -16.25 39.40
CA SER A 288 -0.92 -16.23 40.13
C SER A 288 -0.99 -16.22 41.70
N SER A 289 -1.95 -16.98 42.25
CA SER A 289 -2.16 -17.21 43.67
C SER A 289 -1.07 -18.19 44.15
N LEU A 290 -0.83 -19.23 43.33
CA LEU A 290 0.12 -20.33 43.52
C LEU A 290 1.60 -19.94 43.40
N PRO A 291 2.56 -20.76 43.89
CA PRO A 291 3.98 -20.40 43.75
C PRO A 291 4.69 -21.02 42.53
N PHE A 292 4.10 -22.05 41.86
CA PHE A 292 4.71 -22.73 40.69
C PHE A 292 3.79 -22.87 39.49
N GLN A 293 4.39 -22.98 38.30
CA GLN A 293 3.71 -23.08 37.00
C GLN A 293 4.31 -24.16 36.10
N ASN A 294 3.48 -24.93 35.36
CA ASN A 294 3.98 -25.91 34.41
C ASN A 294 3.55 -25.57 32.97
N VAL A 295 2.81 -24.45 32.79
CA VAL A 295 2.27 -24.01 31.50
C VAL A 295 3.38 -23.55 30.53
N HIS A 296 4.00 -22.38 30.78
CA HIS A 296 5.03 -21.87 29.87
C HIS A 296 6.13 -21.04 30.57
N PRO A 297 7.44 -21.19 30.20
CA PRO A 297 8.48 -20.38 30.83
C PRO A 297 8.42 -18.88 30.51
N VAL A 298 8.07 -18.52 29.27
CA VAL A 298 8.00 -17.09 28.89
C VAL A 298 6.72 -16.44 29.44
N THR A 299 6.87 -15.40 30.27
CA THR A 299 5.76 -14.67 30.88
C THR A 299 6.09 -13.19 31.11
N ILE A 300 5.05 -12.39 31.45
CA ILE A 300 5.08 -10.95 31.75
C ILE A 300 4.13 -10.74 32.92
N GLY A 301 4.47 -9.81 33.82
CA GLY A 301 3.65 -9.50 34.98
C GLY A 301 4.00 -10.32 36.19
N GLU A 302 3.23 -10.15 37.28
CA GLU A 302 3.54 -10.89 38.49
C GLU A 302 3.04 -12.32 38.34
N CYS A 303 4.00 -13.22 38.03
CA CYS A 303 3.81 -14.63 37.70
C CYS A 303 4.46 -15.60 38.67
N PRO A 304 3.84 -16.79 38.90
CA PRO A 304 4.48 -17.83 39.72
C PRO A 304 5.55 -18.59 38.92
N LYS A 305 6.77 -18.67 39.48
CA LYS A 305 7.95 -19.30 38.86
C LYS A 305 7.66 -20.64 38.18
N TYR A 306 7.97 -20.70 36.87
CA TYR A 306 7.77 -21.88 36.05
C TYR A 306 8.77 -22.99 36.39
N VAL A 307 8.25 -24.22 36.51
CA VAL A 307 8.98 -25.47 36.75
C VAL A 307 8.49 -26.55 35.79
N ARG A 308 9.29 -27.60 35.62
CA ARG A 308 8.96 -28.68 34.70
C ARG A 308 7.98 -29.70 35.28
N SER A 309 7.91 -29.80 36.63
CA SER A 309 7.11 -30.78 37.37
C SER A 309 5.68 -30.98 36.88
N ALA A 310 5.23 -32.25 36.97
CA ALA A 310 3.92 -32.73 36.57
C ALA A 310 2.90 -32.64 37.70
N LYS A 311 3.32 -32.97 38.95
CA LYS A 311 2.43 -32.91 40.12
C LYS A 311 3.15 -32.35 41.33
N LEU A 312 2.58 -31.29 41.94
CA LEU A 312 3.11 -30.66 43.14
C LEU A 312 2.01 -30.54 44.19
N ARG A 313 1.84 -31.61 45.03
CA ARG A 313 0.82 -31.62 46.07
C ARG A 313 1.37 -31.88 47.42
N MET A 314 1.11 -30.92 48.30
CA MET A 314 1.50 -30.91 49.69
C MET A 314 0.37 -31.49 50.51
N VAL A 315 0.68 -32.31 51.53
CA VAL A 315 -0.32 -32.92 52.43
C VAL A 315 -0.59 -32.00 53.62
N THR A 316 -1.87 -31.67 53.82
CA THR A 316 -2.30 -30.86 54.94
C THR A 316 -2.80 -31.78 56.06
N GLY A 317 -3.67 -32.72 55.68
CA GLY A 317 -4.31 -33.68 56.58
C GLY A 317 -3.43 -34.84 57.00
N LEU A 318 -3.93 -36.06 56.83
CA LEU A 318 -3.22 -37.27 57.24
C LEU A 318 -3.58 -38.48 56.38
N ARG A 319 -2.88 -39.63 56.58
CA ARG A 319 -3.12 -40.89 55.86
C ARG A 319 -4.54 -41.34 56.11
N ASN A 320 -5.35 -41.37 55.05
CA ASN A 320 -6.77 -41.74 55.10
C ASN A 320 -6.96 -43.26 55.25
N ILE A 321 -7.21 -43.75 56.49
CA ILE A 321 -7.37 -45.19 56.72
C ILE A 321 -8.73 -45.54 57.30
N PRO A 322 -9.53 -46.37 56.60
CA PRO A 322 -10.82 -46.79 57.16
C PRO A 322 -10.63 -48.05 58.02
N SER A 323 -10.75 -47.88 59.35
CA SER A 323 -10.56 -48.90 60.38
C SER A 323 -11.54 -50.11 60.28
N ILE A 324 -11.47 -51.04 61.25
CA ILE A 324 -12.26 -52.28 61.41
C ILE A 324 -13.04 -52.69 60.14
N GLN A 325 -14.36 -52.37 60.10
CA GLN A 325 -15.34 -52.63 59.04
C GLN A 325 -15.48 -51.38 58.14
N SER A 326 -15.14 -50.18 58.70
CA SER A 326 -15.16 -48.87 58.03
C SER A 326 -14.42 -47.80 58.85
N GLY B 4 -18.67 -53.28 63.68
CA GLY B 4 -17.30 -53.21 64.17
C GLY B 4 -17.16 -53.17 65.68
N ALA B 5 -15.93 -53.35 66.17
CA ALA B 5 -15.57 -53.33 67.60
C ALA B 5 -15.08 -51.94 68.10
N ILE B 6 -15.29 -50.86 67.29
CA ILE B 6 -14.87 -49.45 67.50
C ILE B 6 -13.33 -49.35 67.61
N ALA B 7 -12.76 -48.86 68.74
CA ALA B 7 -11.32 -48.61 68.95
C ALA B 7 -10.64 -47.72 67.88
N GLY B 8 -9.45 -47.25 68.17
CA GLY B 8 -8.75 -46.40 67.21
C GLY B 8 -7.26 -46.40 67.37
N PHE B 9 -6.63 -45.31 66.87
CA PHE B 9 -5.20 -45.00 66.92
C PHE B 9 -4.33 -46.07 66.26
N ILE B 10 -4.08 -47.19 66.96
CA ILE B 10 -3.28 -48.31 66.45
C ILE B 10 -4.14 -49.16 65.48
N GLU B 11 -5.47 -49.16 65.65
CA GLU B 11 -6.36 -49.90 64.74
C GLU B 11 -6.54 -49.18 63.39
N GLY B 12 -6.98 -47.92 63.44
CA GLY B 12 -7.18 -47.10 62.23
C GLY B 12 -7.88 -45.77 62.43
N GLY B 13 -8.42 -45.24 61.32
CA GLY B 13 -9.12 -43.97 61.30
C GLY B 13 -10.63 -44.05 61.49
N TRP B 14 -11.17 -42.99 62.12
CA TRP B 14 -12.59 -42.86 62.45
C TRP B 14 -13.36 -42.11 61.41
N THR B 15 -14.14 -42.83 60.61
CA THR B 15 -14.94 -42.25 59.53
C THR B 15 -16.05 -41.34 60.06
N GLY B 16 -16.58 -41.67 61.24
CA GLY B 16 -17.67 -40.98 61.90
C GLY B 16 -17.33 -39.74 62.72
N MET B 17 -16.05 -39.35 62.79
CA MET B 17 -15.65 -38.15 63.52
C MET B 17 -15.56 -37.00 62.51
N VAL B 18 -16.02 -35.78 62.85
CA VAL B 18 -15.96 -34.67 61.88
C VAL B 18 -15.24 -33.44 62.43
N ASP B 19 -15.51 -33.06 63.70
CA ASP B 19 -15.01 -31.87 64.43
C ASP B 19 -13.51 -31.49 64.19
N GLY B 20 -12.65 -32.49 64.01
CA GLY B 20 -11.21 -32.29 63.79
C GLY B 20 -10.46 -33.54 63.36
N TRP B 21 -9.11 -33.49 63.44
CA TRP B 21 -8.25 -34.62 63.04
C TRP B 21 -8.06 -35.59 64.20
N TYR B 22 -7.91 -35.07 65.42
CA TYR B 22 -7.65 -35.89 66.61
C TYR B 22 -8.81 -35.88 67.60
N GLY B 23 -9.22 -37.05 68.09
CA GLY B 23 -10.33 -37.07 69.02
C GLY B 23 -10.52 -38.27 69.93
N TYR B 24 -11.74 -38.37 70.48
CA TYR B 24 -12.15 -39.42 71.41
C TYR B 24 -13.42 -40.12 70.97
N HIS B 25 -13.66 -41.32 71.51
CA HIS B 25 -14.86 -42.07 71.20
C HIS B 25 -15.81 -42.11 72.40
N HIS B 26 -15.39 -42.75 73.50
CA HIS B 26 -16.11 -42.94 74.76
C HIS B 26 -17.33 -43.88 74.66
N GLN B 27 -17.39 -44.77 75.65
CA GLN B 27 -18.43 -45.76 75.86
C GLN B 27 -18.94 -45.53 77.30
N ASN B 28 -20.15 -44.97 77.39
CA ASN B 28 -20.77 -44.60 78.64
C ASN B 28 -22.12 -45.29 78.76
N GLU B 29 -22.79 -45.04 79.89
CA GLU B 29 -24.15 -45.50 80.14
C GLU B 29 -25.09 -44.38 79.64
N GLN B 30 -24.52 -43.18 79.39
CA GLN B 30 -25.19 -41.99 78.87
C GLN B 30 -24.87 -41.80 77.37
N GLY B 31 -24.89 -42.91 76.62
CA GLY B 31 -24.66 -42.92 75.18
C GLY B 31 -23.21 -43.01 74.75
N SER B 32 -22.98 -43.04 73.43
CA SER B 32 -21.65 -43.11 72.83
C SER B 32 -21.57 -42.21 71.62
N GLY B 33 -20.36 -42.00 71.10
CA GLY B 33 -20.16 -41.14 69.93
C GLY B 33 -18.72 -40.79 69.62
N TYR B 34 -18.50 -39.57 69.13
CA TYR B 34 -17.16 -39.05 68.79
C TYR B 34 -17.12 -37.59 69.14
N ALA B 35 -15.96 -37.09 69.56
CA ALA B 35 -15.76 -35.67 69.92
C ALA B 35 -14.31 -35.32 69.76
N ALA B 36 -13.97 -34.66 68.66
CA ALA B 36 -12.59 -34.29 68.42
C ALA B 36 -12.05 -33.21 69.33
N ASP B 37 -10.80 -33.37 69.79
CA ASP B 37 -10.08 -32.42 70.66
C ASP B 37 -9.58 -31.29 69.77
N GLN B 38 -10.34 -30.18 69.74
CA GLN B 38 -10.03 -29.00 68.94
C GLN B 38 -8.82 -28.23 69.46
N LYS B 39 -8.42 -28.40 70.74
CA LYS B 39 -7.23 -27.71 71.26
C LYS B 39 -5.95 -28.23 70.60
N SER B 40 -5.80 -29.57 70.47
CA SER B 40 -4.67 -30.21 69.81
C SER B 40 -4.79 -30.05 68.32
N THR B 41 -6.04 -30.13 67.79
CA THR B 41 -6.34 -29.98 66.36
C THR B 41 -5.95 -28.55 65.90
N GLN B 42 -6.26 -27.48 66.68
CA GLN B 42 -5.91 -26.10 66.35
C GLN B 42 -4.41 -25.88 66.40
N ASN B 43 -3.78 -26.38 67.47
CA ASN B 43 -2.32 -26.30 67.65
C ASN B 43 -1.57 -27.23 66.69
N ALA B 44 -2.33 -27.93 65.81
CA ALA B 44 -1.81 -28.77 64.72
C ALA B 44 -2.13 -28.10 63.38
N ILE B 45 -3.30 -27.44 63.27
CA ILE B 45 -3.75 -26.68 62.09
C ILE B 45 -2.84 -25.46 61.92
N ASN B 46 -2.55 -24.74 63.05
CA ASN B 46 -1.67 -23.58 63.10
C ASN B 46 -0.30 -23.93 62.51
N GLY B 47 0.24 -25.07 62.95
CA GLY B 47 1.51 -25.61 62.49
C GLY B 47 1.52 -25.80 61.00
N ILE B 48 0.59 -26.64 60.49
CA ILE B 48 0.46 -26.93 59.06
C ILE B 48 0.25 -25.64 58.21
N THR B 49 -0.65 -24.73 58.68
CA THR B 49 -0.93 -23.45 58.00
C THR B 49 0.37 -22.68 57.85
N ASN B 50 1.16 -22.63 58.93
CA ASN B 50 2.45 -21.96 58.92
C ASN B 50 3.52 -22.74 58.16
N LYS B 51 3.36 -24.08 57.95
CA LYS B 51 4.30 -24.85 57.16
C LYS B 51 4.03 -24.53 55.69
N VAL B 52 2.75 -24.58 55.30
CA VAL B 52 2.27 -24.30 53.94
C VAL B 52 2.57 -22.87 53.54
N ASN B 53 2.10 -21.89 54.36
CA ASN B 53 2.31 -20.46 54.09
C ASN B 53 3.77 -20.08 54.06
N SER B 54 4.62 -20.76 54.88
CA SER B 54 6.06 -20.50 54.89
C SER B 54 6.74 -20.99 53.62
N VAL B 55 6.07 -21.84 52.83
CA VAL B 55 6.62 -22.28 51.55
C VAL B 55 6.31 -21.22 50.47
N ILE B 56 5.08 -20.68 50.45
CA ILE B 56 4.70 -19.65 49.47
C ILE B 56 5.34 -18.30 49.80
N GLU B 57 5.36 -17.90 51.09
CA GLU B 57 5.93 -16.62 51.56
C GLU B 57 7.44 -16.47 51.29
N LYS B 58 8.18 -17.59 51.21
CA LYS B 58 9.61 -17.54 50.91
C LYS B 58 9.83 -17.54 49.40
N MET B 59 9.14 -18.44 48.67
CA MET B 59 9.19 -18.53 47.21
C MET B 59 8.47 -17.33 46.59
N ASN B 60 9.22 -16.22 46.44
CA ASN B 60 8.72 -14.95 45.93
C ASN B 60 8.08 -15.02 44.55
N THR B 61 6.86 -14.43 44.41
CA THR B 61 6.17 -14.34 43.10
C THR B 61 6.95 -13.24 42.36
N GLN B 62 7.64 -13.62 41.27
CA GLN B 62 8.54 -12.76 40.52
C GLN B 62 8.03 -12.33 39.15
N PHE B 63 8.31 -11.04 38.78
CA PHE B 63 7.99 -10.49 37.47
C PHE B 63 8.79 -11.31 36.47
N THR B 64 8.18 -11.64 35.34
CA THR B 64 8.87 -12.46 34.34
C THR B 64 9.18 -11.65 33.04
N ALA B 65 10.35 -11.95 32.47
CA ALA B 65 10.91 -11.43 31.22
C ALA B 65 11.88 -12.53 30.77
N VAL B 66 11.62 -13.14 29.59
CA VAL B 66 12.42 -14.26 29.09
C VAL B 66 12.92 -14.06 27.62
N GLY B 67 11.98 -13.78 26.71
CA GLY B 67 12.20 -13.63 25.28
C GLY B 67 13.39 -12.83 24.78
N LYS B 68 14.52 -13.52 24.47
CA LYS B 68 15.78 -12.96 23.93
C LYS B 68 16.07 -13.50 22.52
N GLU B 69 16.40 -12.61 21.57
CA GLU B 69 16.61 -12.98 20.16
C GLU B 69 18.03 -12.70 19.66
N PHE B 70 18.66 -13.70 18.98
CA PHE B 70 20.05 -13.65 18.49
C PHE B 70 20.15 -13.91 16.99
N ASN B 71 21.11 -13.29 16.29
CA ASN B 71 21.19 -13.51 14.85
C ASN B 71 21.92 -14.81 14.44
N LYS B 72 22.29 -14.92 13.15
CA LYS B 72 22.94 -16.11 12.57
C LYS B 72 24.35 -16.27 13.08
N LEU B 73 25.10 -15.18 13.11
CA LEU B 73 26.48 -15.22 13.59
C LEU B 73 26.54 -14.81 15.07
N GLU B 74 25.61 -15.34 15.91
CA GLU B 74 25.47 -15.11 17.37
C GLU B 74 25.02 -16.41 18.14
N ARG B 75 25.04 -17.58 17.48
CA ARG B 75 24.61 -18.83 18.10
C ARG B 75 25.40 -19.24 19.34
N ARG B 76 26.52 -18.54 19.62
CA ARG B 76 27.31 -18.78 20.84
C ARG B 76 26.54 -18.21 22.01
N MET B 77 26.04 -16.97 21.85
CA MET B 77 25.25 -16.33 22.88
C MET B 77 23.88 -16.96 23.03
N GLU B 78 23.24 -17.37 21.91
CA GLU B 78 21.94 -18.04 21.88
C GLU B 78 21.99 -19.29 22.73
N ASN B 79 23.14 -19.99 22.71
CA ASN B 79 23.34 -21.20 23.49
C ASN B 79 23.65 -20.91 24.95
N LEU B 80 24.25 -19.72 25.25
CA LEU B 80 24.49 -19.34 26.65
C LEU B 80 23.17 -18.94 27.27
N ASN B 81 22.30 -18.21 26.52
CA ASN B 81 20.95 -17.85 26.97
C ASN B 81 20.15 -19.14 27.28
N LYS B 82 20.26 -20.16 26.38
CA LYS B 82 19.64 -21.48 26.53
C LYS B 82 20.18 -22.20 27.76
N LYS B 83 21.51 -22.18 27.95
CA LYS B 83 22.25 -22.75 29.09
C LYS B 83 21.69 -22.19 30.40
N VAL B 84 21.55 -20.84 30.46
CA VAL B 84 21.05 -20.06 31.59
C VAL B 84 19.56 -20.30 31.85
N ASP B 85 18.72 -20.24 30.80
CA ASP B 85 17.28 -20.46 30.90
C ASP B 85 16.97 -21.85 31.44
N ASP B 86 17.56 -22.91 30.83
CA ASP B 86 17.37 -24.29 31.25
C ASP B 86 18.01 -24.60 32.58
N GLY B 87 19.19 -24.03 32.83
CA GLY B 87 19.90 -24.20 34.09
C GLY B 87 19.10 -23.79 35.32
N PHE B 88 18.39 -22.64 35.24
CA PHE B 88 17.57 -22.14 36.33
C PHE B 88 16.28 -22.94 36.49
N ILE B 89 15.62 -23.35 35.38
CA ILE B 89 14.43 -24.22 35.46
C ILE B 89 14.82 -25.54 36.14
N ASP B 90 16.01 -26.07 35.81
CA ASP B 90 16.60 -27.30 36.36
C ASP B 90 16.72 -27.28 37.89
N ILE B 91 17.31 -26.21 38.43
CA ILE B 91 17.49 -26.03 39.86
C ILE B 91 16.14 -25.96 40.55
N TRP B 92 15.24 -25.07 40.06
CA TRP B 92 13.91 -24.85 40.62
C TRP B 92 13.00 -26.07 40.60
N THR B 93 13.02 -26.86 39.51
CA THR B 93 12.22 -28.08 39.42
C THR B 93 12.72 -29.10 40.47
N TYR B 94 14.06 -29.21 40.66
CA TYR B 94 14.62 -30.07 41.69
C TYR B 94 14.17 -29.58 43.08
N ASN B 95 14.51 -28.29 43.41
CA ASN B 95 14.22 -27.60 44.68
C ASN B 95 12.76 -27.72 45.15
N ALA B 96 11.78 -27.57 44.23
CA ALA B 96 10.35 -27.68 44.54
C ALA B 96 9.99 -29.15 44.77
N GLU B 97 10.32 -30.01 43.80
CA GLU B 97 10.08 -31.46 43.84
C GLU B 97 10.66 -32.14 45.11
N LEU B 98 11.80 -31.66 45.62
CA LEU B 98 12.41 -32.25 46.80
C LEU B 98 11.71 -31.86 48.07
N LEU B 99 11.48 -30.54 48.25
CA LEU B 99 10.81 -29.97 49.41
C LEU B 99 9.40 -30.52 49.55
N VAL B 100 8.69 -30.76 48.42
CA VAL B 100 7.34 -31.32 48.48
C VAL B 100 7.37 -32.77 49.04
N LEU B 101 8.35 -33.60 48.63
CA LEU B 101 8.51 -34.98 49.07
C LEU B 101 9.01 -35.07 50.51
N LEU B 102 10.01 -34.24 50.83
CA LEU B 102 10.64 -34.16 52.15
C LEU B 102 9.73 -33.64 53.26
N GLU B 103 8.87 -32.64 52.95
CA GLU B 103 7.98 -32.08 53.95
C GLU B 103 6.64 -32.78 54.05
N ASN B 104 6.27 -33.59 53.03
CA ASN B 104 5.07 -34.43 53.10
C ASN B 104 5.41 -35.52 54.11
N GLU B 105 6.69 -35.96 54.09
CA GLU B 105 7.22 -36.94 55.02
C GLU B 105 7.13 -36.37 56.42
N ARG B 106 7.58 -35.10 56.60
CA ARG B 106 7.55 -34.42 57.90
C ARG B 106 6.13 -34.13 58.40
N THR B 107 5.17 -33.87 57.49
CA THR B 107 3.78 -33.64 57.89
C THR B 107 3.18 -34.96 58.37
N LEU B 108 3.48 -36.08 57.69
CA LEU B 108 2.95 -37.38 58.07
C LEU B 108 3.48 -37.92 59.38
N ASP B 109 4.68 -37.51 59.76
CA ASP B 109 5.24 -37.94 61.03
C ASP B 109 4.74 -37.05 62.15
N PHE B 110 4.56 -35.76 61.84
CA PHE B 110 4.03 -34.72 62.74
C PHE B 110 2.69 -35.17 63.36
N HIS B 111 1.79 -35.69 62.52
CA HIS B 111 0.47 -36.14 62.95
C HIS B 111 0.54 -37.34 63.87
N ASP B 112 1.15 -38.44 63.40
CA ASP B 112 1.25 -39.68 64.15
C ASP B 112 2.05 -39.52 65.44
N SER B 113 2.73 -38.37 65.60
CA SER B 113 3.40 -38.00 66.84
C SER B 113 2.37 -37.29 67.73
N ASN B 114 1.63 -36.29 67.18
CA ASN B 114 0.58 -35.55 67.88
C ASN B 114 -0.48 -36.49 68.44
N VAL B 115 -0.82 -37.57 67.69
CA VAL B 115 -1.79 -38.58 68.11
C VAL B 115 -1.26 -39.30 69.34
N LYS B 116 -0.02 -39.83 69.25
CA LYS B 116 0.64 -40.55 70.34
C LYS B 116 0.82 -39.67 71.58
N ASN B 117 1.24 -38.40 71.38
CA ASN B 117 1.45 -37.40 72.43
C ASN B 117 0.14 -37.05 73.17
N LEU B 118 -1.03 -37.44 72.58
CA LEU B 118 -2.36 -37.29 73.18
C LEU B 118 -2.75 -38.62 73.85
N TYR B 119 -2.38 -39.78 73.25
CA TYR B 119 -2.67 -41.09 73.86
C TYR B 119 -1.97 -41.21 75.20
N GLU B 120 -0.82 -40.54 75.30
CA GLU B 120 -0.01 -40.48 76.49
C GLU B 120 -0.62 -39.52 77.51
N LYS B 121 -1.13 -38.33 77.06
CA LYS B 121 -1.79 -37.32 77.91
C LYS B 121 -2.81 -37.93 78.88
N VAL B 122 -3.56 -38.92 78.39
CA VAL B 122 -4.64 -39.67 79.06
C VAL B 122 -4.11 -40.82 79.92
N LYS B 123 -3.15 -41.59 79.41
CA LYS B 123 -2.52 -42.73 80.09
C LYS B 123 -1.97 -42.29 81.46
N SER B 124 -1.17 -41.21 81.46
CA SER B 124 -0.57 -40.62 82.66
C SER B 124 -1.61 -39.85 83.51
N GLN B 125 -2.80 -39.54 82.94
CA GLN B 125 -3.87 -38.83 83.66
C GLN B 125 -4.74 -39.81 84.46
N LEU B 126 -4.97 -41.02 83.91
CA LEU B 126 -5.83 -42.02 84.56
C LEU B 126 -5.04 -42.95 85.46
N LYS B 127 -3.99 -43.59 84.90
CA LYS B 127 -3.15 -44.60 85.56
C LYS B 127 -3.90 -45.93 85.73
N ASN B 128 -3.80 -46.52 86.93
CA ASN B 128 -4.39 -47.81 87.35
C ASN B 128 -5.92 -47.91 87.17
N ASN B 129 -6.63 -46.77 87.20
CA ASN B 129 -8.09 -46.67 87.09
C ASN B 129 -8.67 -47.14 85.72
N ALA B 130 -7.84 -47.72 84.85
CA ALA B 130 -8.20 -48.23 83.53
C ALA B 130 -7.12 -49.12 82.95
N LYS B 131 -7.53 -50.14 82.17
CA LYS B 131 -6.57 -51.03 81.51
C LYS B 131 -6.34 -50.65 80.06
N GLU B 132 -5.12 -50.86 79.55
CA GLU B 132 -4.76 -50.53 78.17
C GLU B 132 -5.26 -51.60 77.19
N ILE B 133 -6.59 -51.79 77.18
CA ILE B 133 -7.26 -52.73 76.28
C ILE B 133 -6.92 -52.45 74.87
N GLY B 134 -6.66 -53.51 74.14
CA GLY B 134 -6.34 -53.48 72.71
C GLY B 134 -6.42 -52.18 71.93
N ASN B 135 -5.23 -51.61 71.71
CA ASN B 135 -4.90 -50.50 70.83
C ASN B 135 -5.75 -49.23 70.95
N GLY B 136 -5.10 -48.17 71.44
CA GLY B 136 -5.65 -46.83 71.56
C GLY B 136 -6.87 -46.65 72.44
N CYS B 137 -7.24 -47.68 73.22
CA CYS B 137 -8.40 -47.58 74.09
C CYS B 137 -8.07 -47.86 75.52
N PHE B 138 -8.95 -47.42 76.40
CA PHE B 138 -8.84 -47.64 77.82
C PHE B 138 -10.18 -48.18 78.31
N GLU B 139 -10.16 -49.19 79.19
CA GLU B 139 -11.36 -49.75 79.79
C GLU B 139 -11.38 -49.26 81.22
N PHE B 140 -12.30 -48.31 81.52
CA PHE B 140 -12.49 -47.72 82.84
C PHE B 140 -12.78 -48.75 83.93
N TYR B 141 -12.00 -48.69 85.04
CA TYR B 141 -12.15 -49.57 86.19
C TYR B 141 -13.15 -49.00 87.20
N HIS B 142 -13.97 -47.99 86.81
CA HIS B 142 -14.90 -47.43 87.79
C HIS B 142 -16.25 -46.96 87.24
N LYS B 143 -16.45 -46.92 85.90
CA LYS B 143 -17.71 -46.46 85.31
C LYS B 143 -17.98 -44.97 85.62
N CYS B 144 -17.93 -44.09 84.60
CA CYS B 144 -18.10 -42.67 84.89
C CYS B 144 -19.09 -41.89 84.00
N ASN B 145 -19.61 -40.79 84.61
CA ASN B 145 -20.55 -39.81 84.11
C ASN B 145 -19.91 -39.05 82.97
N ASP B 146 -20.75 -38.51 82.06
CA ASP B 146 -20.29 -37.68 80.94
C ASP B 146 -19.48 -36.50 81.47
N GLU B 147 -19.76 -36.06 82.72
CA GLU B 147 -19.02 -34.99 83.38
C GLU B 147 -17.57 -35.44 83.55
N CYS B 148 -17.33 -36.68 83.99
CA CYS B 148 -15.98 -37.23 84.13
C CYS B 148 -15.29 -37.39 82.76
N MET B 149 -16.06 -37.80 81.73
CA MET B 149 -15.54 -37.96 80.38
C MET B 149 -14.94 -36.64 79.93
N GLU B 150 -15.75 -35.56 79.99
CA GLU B 150 -15.33 -34.20 79.63
C GLU B 150 -14.26 -33.65 80.60
N SER B 151 -14.03 -34.33 81.75
CA SER B 151 -12.97 -33.99 82.71
C SER B 151 -11.68 -34.55 82.16
N VAL B 152 -11.73 -35.75 81.54
CA VAL B 152 -10.58 -36.41 80.93
C VAL B 152 -10.14 -35.60 79.71
N LYS B 153 -11.12 -35.26 78.84
CA LYS B 153 -10.93 -34.50 77.60
C LYS B 153 -10.26 -33.15 77.82
N ASN B 154 -10.66 -32.42 78.88
CA ASN B 154 -10.09 -31.10 79.20
C ASN B 154 -8.94 -31.21 80.26
N GLY B 155 -8.38 -32.42 80.40
CA GLY B 155 -7.25 -32.70 81.27
C GLY B 155 -7.41 -32.73 82.78
N THR B 156 -8.59 -32.33 83.31
CA THR B 156 -8.81 -32.31 84.78
C THR B 156 -8.92 -33.71 85.40
N TYR B 157 -9.92 -34.52 84.97
CA TYR B 157 -10.23 -35.87 85.43
C TYR B 157 -10.54 -35.94 86.93
N ASP B 158 -9.53 -35.73 87.82
CA ASP B 158 -9.53 -35.81 89.30
C ASP B 158 -9.43 -37.27 89.77
N TYR B 159 -8.18 -37.76 89.82
CA TYR B 159 -7.78 -39.10 90.21
C TYR B 159 -8.26 -39.57 91.62
N PRO B 160 -8.31 -38.73 92.70
CA PRO B 160 -8.75 -39.26 94.00
C PRO B 160 -10.19 -39.76 94.06
N LYS B 161 -11.11 -39.08 93.37
CA LYS B 161 -12.55 -39.40 93.34
C LYS B 161 -12.84 -40.87 92.98
N TYR B 162 -12.17 -41.37 91.95
CA TYR B 162 -12.39 -42.72 91.44
C TYR B 162 -11.31 -43.73 91.83
N SER B 163 -10.21 -43.28 92.47
CA SER B 163 -9.08 -44.12 92.87
C SER B 163 -9.51 -45.29 93.77
N GLU B 164 -10.28 -44.97 94.83
CA GLU B 164 -10.80 -45.90 95.83
C GLU B 164 -11.81 -46.88 95.23
N GLU B 165 -12.65 -46.38 94.31
CA GLU B 165 -13.69 -47.12 93.59
C GLU B 165 -13.00 -48.25 92.80
N SER B 166 -12.05 -47.84 91.91
CA SER B 166 -11.25 -48.69 91.03
C SER B 166 -10.45 -49.73 91.78
N LYS B 167 -9.86 -49.34 92.94
CA LYS B 167 -9.07 -50.20 93.82
C LYS B 167 -9.74 -51.58 94.06
N LEU B 168 -11.08 -51.59 94.19
CA LEU B 168 -11.82 -52.82 94.43
C LEU B 168 -12.08 -53.59 93.16
N ASN B 169 -12.52 -52.88 92.10
CA ASN B 169 -12.85 -53.44 90.79
C ASN B 169 -11.64 -54.02 90.05
N ARG B 170 -10.45 -53.46 90.33
CA ARG B 170 -9.16 -53.87 89.76
C ARG B 170 -8.78 -55.26 90.32
N GLU B 171 -9.12 -55.48 91.63
CA GLU B 171 -8.86 -56.69 92.41
C GLU B 171 -9.65 -57.92 91.96
N LYS B 172 -10.64 -57.71 91.06
CA LYS B 172 -11.47 -58.78 90.49
C LYS B 172 -10.64 -59.60 89.47
N ILE B 173 -9.77 -60.48 90.02
CA ILE B 173 -8.87 -61.40 89.32
C ILE B 173 -9.01 -62.79 89.98
N GLU C 1 2.18 29.64 -17.06
CA GLU C 1 3.47 29.65 -16.38
C GLU C 1 4.60 29.24 -17.34
N ILE C 2 4.85 27.92 -17.51
CA ILE C 2 5.88 27.44 -18.45
C ILE C 2 5.23 27.46 -19.82
N VAL C 3 5.82 28.21 -20.75
CA VAL C 3 5.32 28.39 -22.12
C VAL C 3 6.39 27.94 -23.11
N LEU C 4 6.15 26.80 -23.77
CA LEU C 4 7.06 26.27 -24.77
C LEU C 4 6.72 26.84 -26.14
N THR C 5 7.43 27.92 -26.56
CA THR C 5 7.24 28.60 -27.86
C THR C 5 8.17 28.01 -28.91
N GLN C 6 7.58 27.27 -29.88
CA GLN C 6 8.32 26.61 -30.94
C GLN C 6 8.40 27.46 -32.21
N SER C 7 9.61 27.96 -32.50
CA SER C 7 9.96 28.77 -33.67
C SER C 7 10.80 27.92 -34.67
N PRO C 8 10.53 27.96 -36.01
CA PRO C 8 9.52 28.75 -36.74
C PRO C 8 8.12 28.17 -36.66
N GLY C 9 7.13 28.89 -37.16
CA GLY C 9 5.76 28.39 -37.22
C GLY C 9 5.68 27.24 -38.22
N THR C 10 6.36 27.42 -39.36
CA THR C 10 6.43 26.45 -40.45
C THR C 10 7.85 26.44 -41.04
N LEU C 11 8.39 25.25 -41.30
CA LEU C 11 9.69 25.06 -41.92
C LEU C 11 9.51 24.23 -43.18
N SER C 12 10.17 24.63 -44.28
CA SER C 12 10.04 23.92 -45.54
C SER C 12 11.34 23.83 -46.32
N LEU C 13 11.87 22.61 -46.45
CA LEU C 13 13.14 22.36 -47.14
C LEU C 13 13.13 21.13 -48.07
N SER C 14 14.05 21.10 -49.04
CA SER C 14 14.24 20.03 -50.03
C SER C 14 14.93 18.83 -49.38
N PRO C 15 14.68 17.57 -49.81
CA PRO C 15 15.37 16.42 -49.18
C PRO C 15 16.91 16.43 -49.25
N GLY C 16 17.55 15.55 -48.48
CA GLY C 16 18.99 15.46 -48.37
C GLY C 16 19.64 16.56 -47.52
N GLU C 17 18.89 17.65 -47.25
CA GLU C 17 19.27 18.87 -46.51
C GLU C 17 19.31 18.72 -44.97
N LYS C 18 19.57 19.85 -44.27
CA LYS C 18 19.64 19.97 -42.81
C LYS C 18 18.58 20.94 -42.30
N ALA C 19 17.92 20.54 -41.20
CA ALA C 19 16.87 21.32 -40.56
C ALA C 19 17.21 21.66 -39.10
N THR C 20 16.93 22.91 -38.70
CA THR C 20 17.14 23.37 -37.33
C THR C 20 15.86 24.01 -36.86
N LEU C 21 15.17 23.33 -35.95
CA LEU C 21 13.94 23.81 -35.34
C LEU C 21 14.23 24.13 -33.87
N SER C 22 13.84 25.33 -33.40
CA SER C 22 14.13 25.76 -32.03
C SER C 22 12.91 25.76 -31.11
N CYS C 23 13.16 25.70 -29.79
CA CYS C 23 12.10 25.70 -28.80
C CYS C 23 12.58 26.41 -27.54
N ARG C 24 12.00 27.58 -27.29
CA ARG C 24 12.35 28.40 -26.12
C ARG C 24 11.14 28.70 -25.24
N ALA C 25 11.25 28.26 -23.97
CA ALA C 25 10.24 28.44 -22.94
C ALA C 25 10.45 29.73 -22.19
N SER C 26 9.39 30.22 -21.52
CA SER C 26 9.38 31.45 -20.73
C SER C 26 10.60 31.53 -19.79
N GLN C 27 10.62 30.67 -18.75
CA GLN C 27 11.70 30.55 -17.75
C GLN C 27 12.68 29.43 -18.16
N SER C 28 13.79 29.27 -17.39
CA SER C 28 14.76 28.20 -17.62
C SER C 28 14.08 26.84 -17.38
N VAL C 29 14.46 25.80 -18.16
CA VAL C 29 13.81 24.48 -18.08
C VAL C 29 14.68 23.38 -17.45
N SER C 30 15.99 23.65 -17.28
CA SER C 30 16.94 22.72 -16.65
C SER C 30 16.86 21.30 -17.26
N SER C 31 17.19 21.30 -18.55
CA SER C 31 17.38 20.24 -19.53
C SER C 31 16.67 18.92 -19.28
N TYR C 32 17.04 18.17 -18.25
CA TYR C 32 16.61 16.81 -17.90
C TYR C 32 15.16 16.43 -18.18
N TYR C 33 14.26 17.43 -18.33
CA TYR C 33 12.82 17.19 -18.57
C TYR C 33 12.43 17.31 -20.04
N LEU C 34 13.02 18.28 -20.78
CA LEU C 34 12.72 18.57 -22.19
C LEU C 34 13.10 17.49 -23.24
N GLY C 35 12.07 17.07 -23.97
CA GLY C 35 12.17 16.09 -25.06
C GLY C 35 11.46 16.50 -26.33
N TRP C 36 11.72 15.80 -27.45
CA TRP C 36 11.09 16.13 -28.73
C TRP C 36 10.39 14.91 -29.33
N TYR C 37 9.17 15.15 -29.89
CA TYR C 37 8.31 14.11 -30.45
C TYR C 37 7.88 14.43 -31.89
N GLN C 38 7.99 13.41 -32.79
CA GLN C 38 7.67 13.47 -34.24
C GLN C 38 6.22 13.04 -34.59
N GLN C 39 5.32 14.00 -34.85
CA GLN C 39 3.96 13.61 -35.23
C GLN C 39 3.95 13.36 -36.75
N LYS C 40 4.19 12.07 -37.11
CA LYS C 40 4.23 11.55 -38.47
C LYS C 40 2.80 11.62 -39.04
N PRO C 41 2.56 12.32 -40.19
CA PRO C 41 1.18 12.49 -40.71
C PRO C 41 0.29 11.25 -40.78
N GLY C 42 -0.87 11.36 -40.14
CA GLY C 42 -1.92 10.35 -40.07
C GLY C 42 -1.68 9.22 -39.09
N GLN C 43 -0.68 9.37 -38.21
CA GLN C 43 -0.31 8.34 -37.24
C GLN C 43 -0.18 8.88 -35.81
N ALA C 44 0.02 7.95 -34.85
CA ALA C 44 0.23 8.24 -33.44
C ALA C 44 1.60 8.93 -33.25
N PRO C 45 1.78 9.86 -32.26
CA PRO C 45 3.10 10.50 -32.10
C PRO C 45 4.24 9.54 -31.72
N ARG C 46 5.50 10.00 -31.81
CA ARG C 46 6.66 9.19 -31.46
C ARG C 46 7.79 9.99 -30.82
N LEU C 47 8.40 9.40 -29.80
CA LEU C 47 9.50 10.02 -29.07
C LEU C 47 10.80 9.89 -29.82
N LEU C 48 11.59 10.97 -29.88
CA LEU C 48 12.89 10.92 -30.54
C LEU C 48 14.02 11.34 -29.57
N ILE C 49 13.79 12.45 -28.85
CA ILE C 49 14.76 13.03 -27.93
C ILE C 49 14.15 13.21 -26.55
N TYR C 50 14.99 12.99 -25.53
CA TYR C 50 14.67 13.15 -24.13
C TYR C 50 15.86 13.66 -23.41
N GLU C 51 15.65 14.14 -22.18
CA GLU C 51 16.68 14.69 -21.28
C GLU C 51 17.70 15.66 -21.93
N THR C 52 17.30 16.24 -23.09
CA THR C 52 17.88 17.15 -24.10
C THR C 52 18.71 16.45 -25.16
N SER C 53 19.86 15.87 -24.79
CA SER C 53 20.77 15.22 -25.73
C SER C 53 20.24 13.87 -26.20
N ARG C 54 19.84 12.99 -25.25
CA ARG C 54 19.41 11.61 -25.42
C ARG C 54 18.62 11.30 -26.71
N ARG C 55 18.94 10.16 -27.32
CA ARG C 55 18.39 9.61 -28.57
C ARG C 55 17.37 8.59 -28.22
N ALA C 56 16.47 8.29 -29.15
CA ALA C 56 15.49 7.26 -28.82
C ALA C 56 16.03 5.85 -28.95
N THR C 57 15.44 4.94 -28.14
CA THR C 57 15.77 3.52 -28.01
C THR C 57 15.36 2.74 -29.33
N GLY C 58 15.40 3.44 -30.47
CA GLY C 58 15.10 2.89 -31.78
C GLY C 58 14.86 3.93 -32.86
N ILE C 59 15.66 5.02 -32.87
CA ILE C 59 15.51 6.15 -33.82
C ILE C 59 16.84 6.54 -34.55
N PRO C 60 16.77 7.00 -35.87
CA PRO C 60 18.01 7.36 -36.60
C PRO C 60 18.91 8.40 -35.97
N ASP C 61 20.16 8.39 -36.44
CA ASP C 61 21.26 9.23 -35.98
C ASP C 61 21.30 10.59 -36.67
N ARG C 62 20.44 10.78 -37.72
CA ARG C 62 20.28 12.02 -38.50
C ARG C 62 19.88 13.17 -37.57
N PHE C 63 19.03 12.82 -36.58
CA PHE C 63 18.46 13.67 -35.56
C PHE C 63 19.49 13.92 -34.46
N SER C 64 19.66 15.19 -34.09
CA SER C 64 20.55 15.66 -33.04
C SER C 64 19.73 16.51 -32.10
N GLY C 65 20.06 16.48 -30.82
CA GLY C 65 19.36 17.30 -29.85
C GLY C 65 20.34 17.95 -28.91
N SER C 66 20.20 19.26 -28.70
CA SER C 66 21.03 20.04 -27.76
C SER C 66 20.44 21.41 -27.44
N GLY C 67 20.82 21.92 -26.28
CA GLY C 67 20.40 23.21 -25.75
C GLY C 67 20.50 23.23 -24.25
N SER C 68 20.32 24.42 -23.65
CA SER C 68 20.39 24.63 -22.20
C SER C 68 19.59 25.84 -21.75
N GLY C 69 18.96 25.71 -20.58
CA GLY C 69 18.18 26.75 -19.94
C GLY C 69 16.94 27.18 -20.70
N THR C 70 17.07 28.18 -21.58
CA THR C 70 15.95 28.73 -22.35
C THR C 70 15.88 28.15 -23.76
N ASP C 71 16.96 28.27 -24.55
CA ASP C 71 16.99 27.85 -25.96
C ASP C 71 17.43 26.41 -26.17
N PHE C 72 16.67 25.69 -27.01
CA PHE C 72 16.88 24.27 -27.31
C PHE C 72 16.63 23.97 -28.78
N THR C 73 17.34 22.96 -29.36
CA THR C 73 17.25 22.66 -30.80
C THR C 73 17.42 21.17 -31.19
N LEU C 74 16.53 20.70 -32.09
CA LEU C 74 16.54 19.38 -32.70
C LEU C 74 17.02 19.62 -34.14
N THR C 75 18.16 18.98 -34.52
CA THR C 75 18.81 19.13 -35.82
C THR C 75 18.87 17.80 -36.63
N ILE C 76 18.08 17.74 -37.72
CA ILE C 76 18.01 16.62 -38.66
C ILE C 76 18.97 16.91 -39.79
N SER C 77 20.07 16.14 -39.85
CA SER C 77 21.12 16.27 -40.87
C SER C 77 20.76 15.66 -42.24
N GLY C 78 20.07 14.50 -42.23
CA GLY C 78 19.66 13.74 -43.42
C GLY C 78 18.50 14.30 -44.23
N LEU C 79 17.40 14.67 -43.53
CA LEU C 79 16.10 15.19 -44.02
C LEU C 79 15.52 14.32 -45.17
N GLU C 80 15.44 13.02 -44.90
CA GLU C 80 14.89 12.02 -45.82
C GLU C 80 13.35 12.27 -46.14
N PRO C 81 12.64 11.45 -46.95
CA PRO C 81 11.21 11.76 -47.24
C PRO C 81 10.29 11.55 -46.03
N GLU C 82 10.66 10.56 -45.19
CA GLU C 82 9.99 10.16 -43.96
C GLU C 82 10.00 11.30 -42.95
N ASP C 83 11.12 12.04 -42.90
CA ASP C 83 11.42 13.15 -41.99
C ASP C 83 10.62 14.45 -42.27
N PHE C 84 9.42 14.31 -42.86
CA PHE C 84 8.51 15.44 -43.13
C PHE C 84 7.27 15.31 -42.23
N ALA C 85 7.46 15.66 -40.94
CA ALA C 85 6.47 15.60 -39.86
C ALA C 85 6.28 16.96 -39.22
N VAL C 86 5.37 17.04 -38.24
CA VAL C 86 5.07 18.34 -37.64
C VAL C 86 5.93 18.66 -36.43
N TYR C 87 6.36 17.65 -35.63
CA TYR C 87 7.26 17.83 -34.47
C TYR C 87 6.78 18.76 -33.35
N TYR C 88 6.98 18.33 -32.09
CA TYR C 88 6.69 19.13 -30.91
C TYR C 88 7.69 18.87 -29.80
N CYS C 89 8.06 19.94 -29.08
CA CYS C 89 8.89 19.89 -27.89
C CYS C 89 7.92 19.87 -26.70
N GLN C 90 8.22 19.02 -25.69
CA GLN C 90 7.39 18.84 -24.49
C GLN C 90 8.26 18.95 -23.24
N HIS C 91 7.72 19.53 -22.16
CA HIS C 91 8.45 19.66 -20.91
C HIS C 91 7.93 18.65 -19.87
N TYR C 92 8.32 17.37 -20.00
CA TYR C 92 7.86 16.33 -19.08
C TYR C 92 8.66 16.22 -17.79
N GLY C 93 7.96 16.33 -16.64
CA GLY C 93 8.62 16.20 -15.36
C GLY C 93 7.93 16.75 -14.13
N VAL C 94 8.75 16.89 -13.07
CA VAL C 94 8.41 17.42 -11.74
C VAL C 94 7.83 18.83 -11.91
N SER C 95 6.49 18.97 -12.02
CA SER C 95 5.95 20.32 -12.18
C SER C 95 4.59 20.53 -11.50
N PRO C 96 3.51 19.76 -11.71
CA PRO C 96 3.33 18.55 -12.53
C PRO C 96 2.93 18.84 -13.97
N VAL C 97 2.70 20.14 -14.31
CA VAL C 97 2.28 20.64 -15.62
C VAL C 97 3.26 20.23 -16.74
N ILE C 98 2.76 19.46 -17.72
CA ILE C 98 3.54 18.91 -18.83
C ILE C 98 3.87 19.98 -19.90
N THR C 99 3.12 21.10 -19.90
CA THR C 99 3.27 22.24 -20.82
C THR C 99 3.01 21.84 -22.27
N PHE C 100 3.97 21.12 -22.92
CA PHE C 100 3.89 20.68 -24.32
C PHE C 100 3.79 21.90 -25.27
N GLY C 101 3.03 21.77 -26.35
CA GLY C 101 2.82 22.84 -27.30
C GLY C 101 3.98 23.06 -28.24
N GLY C 102 3.65 23.15 -29.52
CA GLY C 102 4.62 23.37 -30.59
C GLY C 102 4.02 23.52 -31.97
N GLY C 103 4.87 24.02 -32.88
CA GLY C 103 4.55 24.26 -34.29
C GLY C 103 5.54 23.54 -35.18
N THR C 104 6.40 24.31 -35.91
CA THR C 104 7.46 23.89 -36.86
C THR C 104 6.99 22.78 -37.84
N LYS C 105 5.97 23.05 -38.66
CA LYS C 105 5.42 22.08 -39.61
C LYS C 105 6.39 21.85 -40.78
N VAL C 106 7.41 20.97 -40.56
CA VAL C 106 8.45 20.65 -41.54
C VAL C 106 7.87 19.93 -42.75
N GLU C 107 7.70 20.69 -43.84
CA GLU C 107 7.12 20.22 -45.10
C GLU C 107 8.09 20.43 -46.27
N ILE C 108 7.72 20.03 -47.49
CA ILE C 108 8.61 20.08 -48.64
C ILE C 108 8.89 21.55 -49.11
N LYS C 109 8.10 22.12 -50.07
CA LYS C 109 8.26 23.46 -50.70
C LYS C 109 9.69 23.67 -51.29
N ARG C 110 9.83 23.35 -52.59
CA ARG C 110 11.11 23.39 -53.33
C ARG C 110 11.17 24.43 -54.46
N THR C 111 10.26 24.34 -55.47
CA THR C 111 10.22 25.23 -56.65
C THR C 111 8.92 26.06 -56.66
N VAL C 112 9.02 27.41 -56.80
CA VAL C 112 7.87 28.33 -56.79
C VAL C 112 6.84 27.95 -57.87
N ALA C 113 5.57 28.10 -57.53
CA ALA C 113 4.41 27.86 -58.37
C ALA C 113 3.38 28.95 -58.05
N ALA C 114 2.27 28.98 -58.80
CA ALA C 114 1.19 29.96 -58.64
C ALA C 114 -0.19 29.28 -58.67
N PRO C 115 -1.24 29.87 -58.05
CA PRO C 115 -2.55 29.21 -58.06
C PRO C 115 -3.43 29.48 -59.27
N SER C 116 -4.18 28.46 -59.68
CA SER C 116 -5.18 28.53 -60.75
C SER C 116 -6.47 29.02 -60.06
N VAL C 117 -7.49 29.53 -60.79
CA VAL C 117 -8.73 30.05 -60.14
C VAL C 117 -10.00 29.56 -60.86
N PHE C 118 -11.08 29.36 -60.08
CA PHE C 118 -12.41 28.92 -60.52
C PHE C 118 -13.50 29.61 -59.66
N ILE C 119 -14.79 29.40 -60.05
CA ILE C 119 -16.01 29.90 -59.41
C ILE C 119 -17.23 29.13 -60.01
N PHE C 120 -18.19 28.68 -59.17
CA PHE C 120 -19.37 27.91 -59.65
C PHE C 120 -20.74 28.56 -59.29
N PRO C 121 -21.77 28.46 -60.19
CA PRO C 121 -23.09 29.04 -59.86
C PRO C 121 -23.98 28.14 -58.98
N PRO C 122 -24.90 28.70 -58.14
CA PRO C 122 -25.74 27.85 -57.27
C PRO C 122 -26.68 26.89 -58.00
N SER C 123 -26.54 25.59 -57.70
CA SER C 123 -27.28 24.47 -58.29
C SER C 123 -28.78 24.46 -57.95
N ASP C 124 -29.53 23.57 -58.64
CA ASP C 124 -30.99 23.36 -58.54
C ASP C 124 -31.46 22.81 -57.18
N GLU C 125 -30.59 22.06 -56.47
CA GLU C 125 -30.92 21.43 -55.20
C GLU C 125 -30.73 22.32 -53.96
N GLN C 126 -29.62 23.10 -53.87
CA GLN C 126 -29.36 23.97 -52.71
C GLN C 126 -30.27 25.20 -52.68
N LEU C 127 -30.77 25.61 -53.86
CA LEU C 127 -31.66 26.76 -54.00
C LEU C 127 -33.10 26.46 -53.63
N LYS C 128 -33.43 25.15 -53.43
CA LYS C 128 -34.75 24.68 -53.01
C LYS C 128 -35.03 25.18 -51.58
N SER C 129 -33.96 25.30 -50.76
CA SER C 129 -34.00 25.78 -49.38
C SER C 129 -33.95 27.32 -49.30
N GLY C 130 -33.53 27.97 -50.39
CA GLY C 130 -33.38 29.41 -50.49
C GLY C 130 -31.96 29.88 -50.21
N THR C 131 -31.31 29.22 -49.24
CA THR C 131 -29.93 29.46 -48.79
C THR C 131 -28.93 29.04 -49.88
N ALA C 132 -28.05 29.97 -50.26
CA ALA C 132 -27.02 29.71 -51.26
C ALA C 132 -25.63 29.87 -50.65
N SER C 133 -24.79 28.83 -50.78
CA SER C 133 -23.43 28.82 -50.28
C SER C 133 -22.50 28.52 -51.45
N VAL C 134 -22.08 29.60 -52.14
CA VAL C 134 -21.23 29.55 -53.34
C VAL C 134 -19.81 29.08 -53.02
N VAL C 135 -19.23 28.31 -53.95
CA VAL C 135 -17.88 27.77 -53.81
C VAL C 135 -16.87 28.54 -54.65
N CYS C 136 -15.60 28.19 -54.46
CA CYS C 136 -14.44 28.74 -55.15
C CYS C 136 -13.37 27.66 -55.15
N LEU C 137 -12.29 27.86 -55.92
CA LEU C 137 -11.17 26.94 -56.00
C LEU C 137 -9.89 27.73 -56.25
N LEU C 138 -8.74 27.13 -55.92
CA LEU C 138 -7.41 27.64 -56.25
C LEU C 138 -6.46 26.41 -56.23
N ASN C 139 -6.67 25.51 -57.23
CA ASN C 139 -5.96 24.25 -57.33
C ASN C 139 -4.48 24.37 -57.69
N ASN C 140 -3.66 23.55 -56.98
CA ASN C 140 -2.23 23.32 -57.10
C ASN C 140 -1.35 24.61 -57.09
N PHE C 141 -0.54 24.79 -56.00
CA PHE C 141 0.43 25.88 -55.79
C PHE C 141 1.40 25.57 -54.63
N TYR C 142 2.71 25.75 -54.88
CA TYR C 142 3.79 25.49 -53.91
C TYR C 142 3.80 26.43 -52.68
N PRO C 143 3.64 27.77 -52.79
CA PRO C 143 3.67 28.60 -51.57
C PRO C 143 2.28 28.66 -50.90
N ARG C 144 2.09 27.91 -49.78
CA ARG C 144 0.83 27.75 -49.03
C ARG C 144 0.11 29.06 -48.62
N GLU C 145 0.85 30.16 -48.36
CA GLU C 145 0.24 31.44 -47.97
C GLU C 145 -0.57 32.11 -49.11
N ALA C 146 -1.91 32.09 -48.98
CA ALA C 146 -2.85 32.66 -49.95
C ALA C 146 -3.96 33.41 -49.21
N LYS C 147 -4.45 34.52 -49.81
CA LYS C 147 -5.52 35.35 -49.24
C LYS C 147 -6.72 35.42 -50.22
N VAL C 148 -7.94 35.05 -49.76
CA VAL C 148 -9.17 35.02 -50.59
C VAL C 148 -10.20 36.05 -50.07
N GLN C 149 -10.66 36.94 -50.98
CA GLN C 149 -11.68 37.98 -50.72
C GLN C 149 -12.79 37.91 -51.78
N TRP C 150 -14.05 37.96 -51.33
CA TRP C 150 -15.22 37.91 -52.20
C TRP C 150 -15.76 39.31 -52.51
N LYS C 151 -16.25 39.50 -53.76
CA LYS C 151 -16.77 40.78 -54.24
C LYS C 151 -18.26 40.68 -54.60
N VAL C 152 -19.09 41.13 -53.68
CA VAL C 152 -20.54 41.14 -53.85
C VAL C 152 -20.87 42.59 -54.16
N ASP C 153 -20.58 42.95 -55.42
CA ASP C 153 -20.69 44.29 -55.98
C ASP C 153 -19.89 45.29 -55.11
N ASN C 154 -18.66 44.85 -54.71
CA ASN C 154 -17.64 45.53 -53.88
C ASN C 154 -17.99 45.51 -52.36
N ALA C 155 -18.23 44.30 -51.81
CA ALA C 155 -18.58 44.08 -50.39
C ALA C 155 -18.40 42.62 -49.94
N LEU C 156 -18.82 42.34 -48.68
CA LEU C 156 -18.86 41.06 -47.94
C LEU C 156 -17.48 40.54 -47.51
N GLN C 157 -17.33 40.33 -46.18
CA GLN C 157 -16.13 39.84 -45.49
C GLN C 157 -16.46 39.16 -44.13
N SER C 158 -17.76 38.81 -43.91
CA SER C 158 -18.23 38.14 -42.68
C SER C 158 -18.29 36.61 -42.88
N GLY C 159 -19.44 36.06 -43.26
CA GLY C 159 -19.61 34.65 -43.57
C GLY C 159 -19.07 34.49 -44.97
N ASN C 160 -17.73 34.53 -45.04
CA ASN C 160 -16.95 34.62 -46.26
C ASN C 160 -16.03 33.43 -46.54
N SER C 161 -14.99 33.22 -45.71
CA SER C 161 -14.02 32.15 -45.94
C SER C 161 -14.23 30.93 -45.07
N GLN C 162 -14.50 29.80 -45.73
CA GLN C 162 -14.68 28.49 -45.12
C GLN C 162 -13.58 27.60 -45.72
N GLU C 163 -12.34 28.13 -45.62
CA GLU C 163 -11.08 27.59 -46.11
C GLU C 163 -10.91 26.10 -45.78
N SER C 164 -10.65 25.27 -46.81
CA SER C 164 -10.47 23.83 -46.64
C SER C 164 -9.23 23.34 -47.42
N VAL C 165 -8.04 23.73 -46.91
CA VAL C 165 -6.72 23.41 -47.47
C VAL C 165 -6.43 21.90 -47.41
N THR C 166 -5.76 21.34 -48.46
CA THR C 166 -5.34 19.93 -48.50
C THR C 166 -3.83 19.83 -48.23
N GLU C 167 -3.29 18.61 -48.18
CA GLU C 167 -1.87 18.39 -47.92
C GLU C 167 -1.12 18.13 -49.23
N GLN C 168 0.18 18.52 -49.29
CA GLN C 168 1.09 18.34 -50.43
C GLN C 168 0.92 16.96 -51.09
N ASP C 169 0.73 16.91 -52.43
CA ASP C 169 0.53 15.65 -53.17
C ASP C 169 1.84 14.90 -53.38
N SER C 170 1.79 13.55 -53.24
CA SER C 170 2.93 12.62 -53.35
C SER C 170 3.84 12.87 -54.57
N LYS C 171 3.26 13.44 -55.64
CA LYS C 171 3.94 13.72 -56.90
C LYS C 171 4.29 15.20 -57.07
N ASP C 172 3.27 16.07 -57.03
CA ASP C 172 3.39 17.51 -57.27
C ASP C 172 3.94 18.36 -56.14
N SER C 173 3.71 17.97 -54.86
CA SER C 173 4.12 18.70 -53.65
C SER C 173 3.50 20.13 -53.63
N THR C 174 2.21 20.20 -54.02
CA THR C 174 1.39 21.43 -54.13
C THR C 174 0.11 21.34 -53.28
N TYR C 175 -0.50 22.50 -52.97
CA TYR C 175 -1.75 22.63 -52.19
C TYR C 175 -2.92 23.13 -53.04
N SER C 176 -4.17 22.90 -52.58
CA SER C 176 -5.43 23.34 -53.23
C SER C 176 -6.48 23.76 -52.16
N LEU C 177 -7.00 25.00 -52.26
CA LEU C 177 -7.97 25.59 -51.32
C LEU C 177 -9.41 25.56 -51.87
N SER C 178 -10.42 25.72 -50.97
CA SER C 178 -11.85 25.76 -51.29
C SER C 178 -12.66 26.68 -50.34
N SER C 179 -12.48 28.02 -50.49
CA SER C 179 -13.19 29.04 -49.72
C SER C 179 -14.67 29.05 -50.10
N THR C 180 -15.58 28.94 -49.11
CA THR C 180 -17.02 28.89 -49.33
C THR C 180 -17.74 30.10 -48.72
N LEU C 181 -18.35 30.93 -49.58
CA LEU C 181 -19.11 32.12 -49.19
C LEU C 181 -20.57 31.71 -48.93
N THR C 182 -20.88 31.46 -47.66
CA THR C 182 -22.23 31.06 -47.24
C THR C 182 -23.05 32.32 -46.90
N LEU C 183 -24.30 32.39 -47.39
CA LEU C 183 -25.21 33.52 -47.20
C LEU C 183 -26.72 33.19 -47.35
N SER C 184 -27.58 34.14 -46.95
CA SER C 184 -29.05 34.09 -47.03
C SER C 184 -29.57 34.54 -48.41
N LYS C 185 -30.86 34.26 -48.71
CA LYS C 185 -31.47 34.69 -49.98
C LYS C 185 -31.76 36.21 -50.00
N ALA C 186 -31.51 36.90 -48.86
CA ALA C 186 -31.72 38.33 -48.64
C ALA C 186 -30.92 39.19 -49.62
N ASP C 187 -29.59 38.96 -49.71
CA ASP C 187 -28.67 39.69 -50.60
C ASP C 187 -28.34 38.91 -51.89
N TYR C 188 -28.71 37.61 -51.94
CA TYR C 188 -28.46 36.66 -53.03
C TYR C 188 -29.18 37.02 -54.35
N GLU C 189 -30.53 37.12 -54.33
CA GLU C 189 -31.31 37.46 -55.52
C GLU C 189 -31.15 38.95 -55.85
N LYS C 190 -30.94 39.76 -54.79
CA LYS C 190 -30.74 41.22 -54.75
C LYS C 190 -29.63 41.74 -55.68
N HIS C 191 -28.48 41.04 -55.77
CA HIS C 191 -27.32 41.47 -56.57
C HIS C 191 -27.07 40.62 -57.84
N LYS C 192 -26.11 41.09 -58.69
CA LYS C 192 -25.74 40.51 -59.99
C LYS C 192 -24.32 39.90 -60.05
N VAL C 193 -23.25 40.70 -59.74
CA VAL C 193 -21.87 40.23 -59.85
C VAL C 193 -21.31 39.74 -58.49
N TYR C 194 -20.86 38.47 -58.48
CA TYR C 194 -20.27 37.78 -57.33
C TYR C 194 -18.90 37.25 -57.73
N ALA C 195 -17.83 37.88 -57.21
CA ALA C 195 -16.44 37.52 -57.55
C ALA C 195 -15.67 36.86 -56.41
N CYS C 196 -14.61 36.09 -56.77
CA CYS C 196 -13.69 35.39 -55.86
C CYS C 196 -12.28 35.84 -56.22
N GLU C 197 -11.71 36.78 -55.43
CA GLU C 197 -10.38 37.39 -55.65
C GLU C 197 -9.22 36.66 -54.96
N VAL C 198 -8.28 36.14 -55.77
CA VAL C 198 -7.08 35.42 -55.32
C VAL C 198 -5.93 36.43 -55.25
N THR C 199 -5.59 36.84 -54.03
CA THR C 199 -4.51 37.79 -53.75
C THR C 199 -3.27 37.00 -53.28
N HIS C 200 -2.60 36.33 -54.23
CA HIS C 200 -1.43 35.47 -54.01
C HIS C 200 -0.11 36.10 -54.46
N GLN C 201 1.00 35.74 -53.78
CA GLN C 201 2.35 36.24 -54.09
C GLN C 201 2.90 35.68 -55.42
N GLY C 202 2.61 34.42 -55.73
CA GLY C 202 3.02 33.73 -56.94
C GLY C 202 2.55 34.40 -58.22
N LEU C 203 1.25 34.77 -58.27
CA LEU C 203 0.64 35.49 -59.39
C LEU C 203 1.17 36.94 -59.49
N SER C 204 1.21 37.53 -60.70
CA SER C 204 1.70 38.90 -60.95
C SER C 204 0.69 39.98 -60.53
N SER C 205 -0.60 39.81 -60.90
CA SER C 205 -1.71 40.72 -60.60
C SER C 205 -2.84 40.00 -59.83
N PRO C 206 -3.57 40.68 -58.90
CA PRO C 206 -4.65 39.98 -58.17
C PRO C 206 -5.88 39.63 -59.03
N VAL C 207 -5.78 38.51 -59.77
CA VAL C 207 -6.79 37.98 -60.70
C VAL C 207 -8.07 37.54 -59.97
N THR C 208 -9.25 37.80 -60.60
CA THR C 208 -10.58 37.50 -60.07
C THR C 208 -11.50 36.86 -61.15
N LYS C 209 -12.35 35.89 -60.74
CA LYS C 209 -13.30 35.20 -61.62
C LYS C 209 -14.73 35.33 -61.03
N SER C 210 -15.68 35.91 -61.81
CA SER C 210 -17.08 36.17 -61.39
C SER C 210 -18.17 35.56 -62.30
N PHE C 211 -19.47 35.66 -61.88
CA PHE C 211 -20.65 35.12 -62.59
C PHE C 211 -21.90 36.04 -62.55
N ASN C 212 -23.01 35.60 -63.19
CA ASN C 212 -24.31 36.29 -63.30
C ASN C 212 -25.16 36.17 -62.02
N GLU D 1 5.58 -7.36 -28.10
CA GLU D 1 6.37 -6.48 -27.24
C GLU D 1 5.48 -5.43 -26.56
N VAL D 2 6.09 -4.29 -26.17
CA VAL D 2 5.42 -3.17 -25.51
C VAL D 2 4.26 -2.62 -26.35
N GLN D 3 3.05 -2.48 -25.75
CA GLN D 3 1.85 -1.99 -26.45
C GLN D 3 0.79 -1.40 -25.54
N LEU D 4 0.22 -0.24 -25.93
CA LEU D 4 -0.87 0.43 -25.23
C LEU D 4 -2.09 0.42 -26.16
N VAL D 5 -3.06 -0.46 -25.88
CA VAL D 5 -4.28 -0.60 -26.68
C VAL D 5 -5.36 0.30 -26.08
N GLU D 6 -5.80 1.29 -26.86
CA GLU D 6 -6.81 2.25 -26.41
C GLU D 6 -8.17 1.88 -26.96
N SER D 7 -9.20 2.02 -26.12
CA SER D 7 -10.59 1.74 -26.49
C SER D 7 -11.55 2.66 -25.77
N GLY D 8 -12.72 2.85 -26.35
CA GLY D 8 -13.78 3.69 -25.81
C GLY D 8 -14.92 3.84 -26.80
N GLY D 9 -15.42 5.07 -26.91
CA GLY D 9 -16.51 5.40 -27.80
C GLY D 9 -16.19 6.50 -28.80
N GLY D 10 -17.25 7.12 -29.32
CA GLY D 10 -17.13 8.19 -30.30
C GLY D 10 -18.10 9.34 -30.11
N LEU D 11 -19.38 9.03 -29.89
CA LEU D 11 -20.39 10.10 -29.74
C LEU D 11 -20.98 10.16 -28.36
N VAL D 12 -21.19 11.39 -27.86
CA VAL D 12 -21.86 11.74 -26.60
C VAL D 12 -22.58 13.10 -26.74
N GLN D 13 -23.55 13.35 -25.85
CA GLN D 13 -24.31 14.59 -25.75
C GLN D 13 -23.42 15.72 -25.19
N PRO D 14 -23.73 17.00 -25.46
CA PRO D 14 -22.94 18.08 -24.86
C PRO D 14 -23.37 18.23 -23.40
N GLY D 15 -22.51 17.75 -22.52
CA GLY D 15 -22.73 17.68 -21.09
C GLY D 15 -22.90 16.22 -20.66
N GLY D 16 -22.52 15.30 -21.56
CA GLY D 16 -22.61 13.87 -21.35
C GLY D 16 -21.42 13.26 -20.64
N SER D 17 -21.45 11.93 -20.49
CA SER D 17 -20.38 11.18 -19.83
C SER D 17 -19.90 9.99 -20.63
N LEU D 18 -18.58 9.82 -20.68
CA LEU D 18 -17.90 8.76 -21.41
C LEU D 18 -16.70 8.25 -20.62
N ARG D 19 -16.33 6.98 -20.85
CA ARG D 19 -15.21 6.34 -20.16
C ARG D 19 -14.27 5.69 -21.16
N LEU D 20 -12.96 5.88 -20.95
CA LEU D 20 -11.95 5.29 -21.81
C LEU D 20 -11.15 4.25 -21.06
N SER D 21 -10.81 3.15 -21.75
CA SER D 21 -10.05 2.00 -21.23
C SER D 21 -8.74 1.81 -21.97
N CYS D 22 -7.62 1.71 -21.23
CA CYS D 22 -6.31 1.55 -21.84
C CYS D 22 -5.62 0.25 -21.43
N ALA D 23 -5.71 -0.77 -22.28
CA ALA D 23 -5.04 -2.05 -22.05
C ALA D 23 -3.53 -1.90 -22.32
N ALA D 24 -2.70 -2.62 -21.56
CA ALA D 24 -1.25 -2.57 -21.72
C ALA D 24 -0.68 -3.97 -21.77
N SER D 25 0.44 -4.13 -22.48
CA SER D 25 1.10 -5.43 -22.65
C SER D 25 2.58 -5.23 -22.95
N GLY D 26 3.37 -6.26 -22.65
CA GLY D 26 4.81 -6.28 -22.93
C GLY D 26 5.75 -5.66 -21.91
N PHE D 27 5.23 -5.10 -20.80
CA PHE D 27 6.06 -4.48 -19.75
C PHE D 27 5.35 -4.50 -18.38
N THR D 28 6.09 -4.22 -17.29
CA THR D 28 5.51 -4.19 -15.96
C THR D 28 4.83 -2.84 -15.72
N PHE D 29 3.49 -2.88 -15.75
CA PHE D 29 2.56 -1.75 -15.63
C PHE D 29 2.77 -0.88 -14.37
N ASN D 30 2.59 -1.52 -13.18
CA ASN D 30 2.68 -1.00 -11.81
C ASN D 30 3.89 -0.09 -11.48
N ILE D 31 4.98 -0.18 -12.27
CA ILE D 31 6.19 0.61 -12.05
C ILE D 31 6.27 1.84 -12.99
N TYR D 32 5.25 2.07 -13.82
CA TYR D 32 5.27 3.23 -14.71
C TYR D 32 4.05 4.12 -14.53
N ASP D 33 4.28 5.44 -14.50
CA ASP D 33 3.23 6.46 -14.42
C ASP D 33 2.54 6.49 -15.76
N MET D 34 1.30 6.96 -15.81
CA MET D 34 0.53 6.94 -17.05
C MET D 34 -0.14 8.27 -17.32
N HIS D 35 -0.51 8.51 -18.60
CA HIS D 35 -1.12 9.78 -19.01
C HIS D 35 -2.07 9.66 -20.21
N TRP D 36 -2.84 10.75 -20.42
CA TRP D 36 -3.78 10.92 -21.52
C TRP D 36 -3.47 12.25 -22.20
N VAL D 37 -3.10 12.18 -23.49
CA VAL D 37 -2.73 13.34 -24.30
C VAL D 37 -3.72 13.43 -25.46
N ARG D 38 -4.41 14.55 -25.59
CA ARG D 38 -5.37 14.69 -26.68
C ARG D 38 -4.89 15.63 -27.78
N GLN D 39 -5.15 15.21 -29.05
CA GLN D 39 -4.90 15.97 -30.28
C GLN D 39 -6.28 16.31 -30.83
N ALA D 40 -6.61 17.61 -30.81
CA ALA D 40 -7.87 18.21 -31.26
C ALA D 40 -8.21 17.78 -32.73
N PRO D 41 -9.45 18.04 -33.29
CA PRO D 41 -9.69 17.65 -34.69
C PRO D 41 -8.68 18.32 -35.64
N GLY D 42 -8.33 19.58 -35.32
CA GLY D 42 -7.35 20.36 -36.05
C GLY D 42 -5.96 19.82 -35.86
N LYS D 43 -5.27 20.32 -34.83
CA LYS D 43 -3.89 19.97 -34.50
C LYS D 43 -3.52 20.49 -33.09
N GLY D 44 -2.31 20.13 -32.62
CA GLY D 44 -1.74 20.55 -31.35
C GLY D 44 -1.89 19.57 -30.22
N LEU D 45 -0.78 18.97 -29.78
CA LEU D 45 -0.84 18.00 -28.68
C LEU D 45 -0.97 18.71 -27.33
N GLU D 46 -1.88 18.20 -26.48
CA GLU D 46 -2.17 18.77 -25.16
C GLU D 46 -2.38 17.62 -24.15
N TRP D 47 -1.70 17.70 -22.99
CA TRP D 47 -1.84 16.71 -21.91
C TRP D 47 -3.13 17.04 -21.13
N VAL D 48 -3.92 16.00 -20.73
CA VAL D 48 -5.18 16.22 -20.01
C VAL D 48 -5.19 15.58 -18.62
N SER D 49 -4.52 14.43 -18.45
CA SER D 49 -4.50 13.72 -17.19
C SER D 49 -3.23 12.92 -17.02
N SER D 50 -2.81 12.75 -15.77
CA SER D 50 -1.59 12.02 -15.44
C SER D 50 -1.69 11.44 -14.04
N ILE D 51 -1.43 10.14 -13.92
CA ILE D 51 -1.49 9.40 -12.65
C ILE D 51 -0.16 8.68 -12.37
N THR D 52 0.35 8.80 -11.15
CA THR D 52 1.57 8.11 -10.76
C THR D 52 1.30 6.64 -10.50
N THR D 53 2.32 5.94 -10.01
CA THR D 53 2.31 4.51 -9.67
C THR D 53 1.67 4.36 -8.32
N ALA D 54 1.64 5.48 -7.59
CA ALA D 54 1.10 5.63 -6.25
C ALA D 54 -0.37 6.01 -6.29
N GLY D 55 -0.83 6.43 -7.48
CA GLY D 55 -2.21 6.80 -7.72
C GLY D 55 -2.51 8.27 -7.53
N ASP D 56 -1.50 9.13 -7.69
CA ASP D 56 -1.70 10.56 -7.55
C ASP D 56 -2.02 11.16 -8.91
N THR D 57 -3.24 11.68 -9.05
CA THR D 57 -3.72 12.30 -10.27
C THR D 57 -3.44 13.81 -10.29
N TYR D 58 -2.95 14.30 -11.44
CA TYR D 58 -2.62 15.70 -11.73
C TYR D 58 -3.30 16.09 -13.05
N TYR D 59 -4.08 17.19 -13.02
CA TYR D 59 -4.80 17.64 -14.22
C TYR D 59 -4.53 19.10 -14.59
N PRO D 60 -4.61 19.46 -15.88
CA PRO D 60 -4.48 20.87 -16.26
C PRO D 60 -5.81 21.60 -16.07
N GLY D 61 -5.74 22.90 -15.75
CA GLY D 61 -6.88 23.79 -15.52
C GLY D 61 -7.98 23.67 -16.57
N SER D 62 -7.57 23.34 -17.81
CA SER D 62 -8.52 23.15 -18.90
C SER D 62 -9.54 22.13 -18.46
N VAL D 63 -9.04 20.99 -17.95
CA VAL D 63 -9.90 19.87 -17.62
C VAL D 63 -9.99 19.47 -16.11
N LYS D 64 -9.39 20.23 -15.17
CA LYS D 64 -9.42 19.93 -13.72
C LYS D 64 -10.81 19.57 -13.19
N GLY D 65 -11.84 20.16 -13.78
CA GLY D 65 -13.22 19.92 -13.36
C GLY D 65 -13.76 18.51 -13.37
N ARG D 66 -14.11 18.05 -14.57
CA ARG D 66 -14.86 16.83 -14.89
C ARG D 66 -14.10 15.63 -15.46
N PHE D 67 -12.78 15.59 -15.36
CA PHE D 67 -12.10 14.40 -15.84
C PHE D 67 -11.33 13.77 -14.71
N THR D 68 -11.36 12.43 -14.67
CA THR D 68 -10.75 11.63 -13.64
C THR D 68 -10.01 10.39 -14.18
N THR D 69 -8.77 10.18 -13.68
CA THR D 69 -7.92 9.03 -14.01
C THR D 69 -7.95 7.93 -12.93
N SER D 70 -7.95 6.65 -13.35
CA SER D 70 -7.94 5.47 -12.47
C SER D 70 -6.99 4.37 -13.02
N ARG D 71 -6.60 3.40 -12.18
CA ARG D 71 -5.70 2.32 -12.58
C ARG D 71 -6.12 0.99 -12.02
N GLU D 72 -6.04 -0.05 -12.85
CA GLU D 72 -6.27 -1.43 -12.44
C GLU D 72 -4.95 -2.16 -12.71
N ASN D 73 -3.94 -1.95 -11.84
CA ASN D 73 -2.62 -2.57 -11.94
C ASN D 73 -2.77 -4.07 -12.10
N ALA D 74 -3.91 -4.59 -11.59
CA ALA D 74 -4.35 -5.98 -11.65
C ALA D 74 -4.72 -6.33 -13.09
N LYS D 75 -5.63 -5.55 -13.69
CA LYS D 75 -6.13 -5.73 -15.06
C LYS D 75 -5.20 -5.10 -16.13
N ASN D 76 -4.01 -4.63 -15.71
CA ASN D 76 -3.00 -3.96 -16.54
C ASN D 76 -3.54 -2.73 -17.26
N SER D 77 -4.74 -2.28 -16.90
CA SER D 77 -5.41 -1.14 -17.53
C SER D 77 -5.40 0.17 -16.73
N LEU D 78 -5.52 1.28 -17.45
CA LEU D 78 -5.61 2.65 -16.96
C LEU D 78 -6.92 3.19 -17.52
N TYR D 79 -7.60 4.08 -16.79
CA TYR D 79 -8.87 4.60 -17.28
C TYR D 79 -9.03 6.11 -17.14
N LEU D 80 -9.91 6.70 -18.01
CA LEU D 80 -10.29 8.12 -17.99
C LEU D 80 -11.82 8.29 -18.04
N GLN D 81 -12.39 8.86 -16.96
CA GLN D 81 -13.81 9.17 -16.86
C GLN D 81 -14.01 10.62 -17.26
N MET D 82 -14.73 10.81 -18.35
CA MET D 82 -15.01 12.12 -18.92
C MET D 82 -16.46 12.46 -18.63
N ASN D 83 -16.68 13.26 -17.59
CA ASN D 83 -18.01 13.69 -17.16
C ASN D 83 -18.30 15.10 -17.70
N SER D 84 -19.58 15.51 -17.68
CA SER D 84 -20.14 16.82 -18.08
C SER D 84 -19.42 17.50 -19.29
N LEU D 85 -18.96 16.67 -20.25
CA LEU D 85 -18.21 16.99 -21.46
C LEU D 85 -18.57 18.30 -22.13
N ARG D 86 -17.54 19.11 -22.45
CA ARG D 86 -17.68 20.41 -23.12
C ARG D 86 -17.70 20.28 -24.67
N ALA D 87 -17.69 21.43 -25.39
CA ALA D 87 -17.70 21.53 -26.86
C ALA D 87 -16.33 21.19 -27.45
N GLY D 88 -15.30 21.88 -26.96
CA GLY D 88 -13.90 21.71 -27.38
C GLY D 88 -13.20 20.43 -26.98
N ASP D 89 -13.90 19.57 -26.16
CA ASP D 89 -13.41 18.27 -25.69
C ASP D 89 -13.36 17.20 -26.80
N THR D 90 -13.44 17.64 -28.07
CA THR D 90 -13.41 16.77 -29.23
C THR D 90 -11.95 16.49 -29.62
N GLY D 91 -11.71 15.35 -30.27
CA GLY D 91 -10.39 14.95 -30.75
C GLY D 91 -10.01 13.50 -30.52
N VAL D 92 -8.73 13.18 -30.77
CA VAL D 92 -8.16 11.84 -30.57
C VAL D 92 -7.38 11.85 -29.28
N TYR D 93 -7.76 10.95 -28.37
CA TYR D 93 -7.19 10.77 -27.06
C TYR D 93 -6.15 9.68 -27.09
N TYR D 94 -4.93 9.99 -26.63
CA TYR D 94 -3.81 9.05 -26.63
C TYR D 94 -3.40 8.59 -25.22
N CYS D 95 -2.83 7.38 -25.12
CA CYS D 95 -2.38 6.72 -23.89
C CYS D 95 -0.84 6.67 -23.91
N THR D 96 -0.18 7.09 -22.79
CA THR D 96 1.30 7.14 -22.72
C THR D 96 1.95 6.68 -21.41
N ARG D 97 3.24 6.25 -21.50
CA ARG D 97 4.09 5.77 -20.40
C ARG D 97 5.36 6.64 -20.14
N GLY D 98 5.38 7.37 -19.02
CA GLY D 98 6.48 8.23 -18.60
C GLY D 98 7.00 7.90 -17.21
N VAL D 99 8.35 7.84 -17.04
CA VAL D 99 9.11 7.59 -15.80
C VAL D 99 8.77 6.23 -15.19
N ARG D 100 9.77 5.66 -14.54
CA ARG D 100 9.74 4.38 -13.85
C ARG D 100 9.83 4.62 -12.35
N GLU D 101 8.67 4.62 -11.68
CA GLU D 101 8.50 4.79 -10.22
C GLU D 101 9.53 5.73 -9.61
N VAL D 102 10.58 5.13 -9.05
CA VAL D 102 11.79 5.61 -8.40
C VAL D 102 12.34 4.28 -7.96
N GLY D 103 11.63 3.63 -7.04
CA GLY D 103 12.01 2.33 -6.52
C GLY D 103 11.65 1.17 -7.40
N ALA D 104 12.20 1.11 -8.61
CA ALA D 104 11.97 -0.03 -9.49
C ALA D 104 13.29 -0.62 -10.02
N THR D 105 13.91 -1.45 -9.16
CA THR D 105 15.18 -2.19 -9.30
C THR D 105 16.26 -1.31 -9.90
N GLY D 106 16.50 -1.46 -11.21
CA GLY D 106 17.51 -0.75 -11.99
C GLY D 106 17.60 -1.21 -13.43
N ASP D 107 16.89 -2.34 -13.74
CA ASP D 107 16.80 -3.02 -15.05
C ASP D 107 16.18 -2.12 -16.15
N ASP D 108 14.85 -1.87 -16.04
CA ASP D 108 14.03 -1.00 -16.89
C ASP D 108 14.54 0.43 -16.66
N PRO D 109 15.08 1.09 -17.69
CA PRO D 109 15.71 2.41 -17.49
C PRO D 109 14.82 3.51 -16.97
N PHE D 110 15.44 4.45 -16.24
CA PHE D 110 14.82 5.61 -15.61
C PHE D 110 15.06 6.87 -16.43
N TYR D 111 14.00 7.45 -16.98
CA TYR D 111 14.10 8.68 -17.78
C TYR D 111 12.86 9.53 -17.72
N TYR D 112 13.03 10.86 -17.83
CA TYR D 112 11.91 11.80 -17.87
C TYR D 112 11.47 12.05 -19.33
N GLY D 113 10.54 11.21 -19.75
CA GLY D 113 9.97 11.24 -21.09
C GLY D 113 8.96 10.12 -21.30
N MET D 114 8.13 10.29 -22.32
CA MET D 114 7.06 9.39 -22.68
C MET D 114 7.49 8.56 -23.86
N TYR D 115 7.50 7.23 -23.73
CA TYR D 115 7.97 6.40 -24.83
C TYR D 115 6.86 5.63 -25.53
N VAL D 116 6.21 4.67 -24.85
CA VAL D 116 5.15 3.86 -25.45
C VAL D 116 3.89 4.68 -25.64
N TRP D 117 3.46 4.82 -26.91
CA TRP D 117 2.26 5.53 -27.32
C TRP D 117 1.21 4.54 -27.82
N GLY D 118 -0.04 5.00 -27.86
CA GLY D 118 -1.16 4.20 -28.35
C GLY D 118 -1.68 4.77 -29.64
N GLN D 119 -2.51 3.99 -30.37
CA GLN D 119 -3.11 4.40 -31.64
C GLN D 119 -4.14 5.54 -31.51
N GLY D 120 -4.85 5.58 -30.37
CA GLY D 120 -5.90 6.54 -30.08
C GLY D 120 -7.30 5.96 -30.19
N THR D 121 -8.31 6.81 -29.87
CA THR D 121 -9.77 6.58 -29.96
C THR D 121 -10.42 7.96 -29.99
N THR D 122 -11.07 8.28 -31.12
CA THR D 122 -11.69 9.56 -31.40
C THR D 122 -12.99 9.75 -30.65
N VAL D 123 -13.12 10.92 -30.00
CA VAL D 123 -14.26 11.34 -29.19
C VAL D 123 -14.82 12.69 -29.71
N THR D 124 -16.19 12.80 -29.80
CA THR D 124 -16.94 13.96 -30.29
C THR D 124 -18.20 14.24 -29.46
N VAL D 125 -18.61 15.51 -29.44
CA VAL D 125 -19.82 15.97 -28.77
C VAL D 125 -20.91 16.36 -29.80
N SER D 126 -22.17 15.98 -29.50
CA SER D 126 -23.40 16.12 -30.30
C SER D 126 -23.95 17.56 -30.53
N GLY D 127 -25.03 17.63 -31.32
CA GLY D 127 -25.78 18.82 -31.68
C GLY D 127 -27.17 18.39 -32.12
N ALA D 128 -27.21 17.54 -33.16
CA ALA D 128 -28.40 16.91 -33.78
C ALA D 128 -27.85 15.81 -34.70
N SER D 129 -27.29 14.78 -34.05
CA SER D 129 -26.60 13.64 -34.63
C SER D 129 -27.37 12.79 -35.67
N THR D 130 -26.59 12.00 -36.45
CA THR D 130 -26.94 11.08 -37.57
C THR D 130 -27.89 11.73 -38.57
N LYS D 131 -27.29 12.32 -39.61
CA LYS D 131 -27.95 13.00 -40.74
C LYS D 131 -27.16 12.70 -42.03
N GLY D 132 -27.84 12.11 -43.00
CA GLY D 132 -27.28 11.70 -44.29
C GLY D 132 -26.73 12.81 -45.16
N PRO D 133 -25.79 12.50 -46.08
CA PRO D 133 -25.23 13.55 -46.94
C PRO D 133 -26.14 14.02 -48.06
N SER D 134 -26.04 15.32 -48.41
CA SER D 134 -26.80 15.96 -49.48
C SER D 134 -25.83 16.37 -50.59
N VAL D 135 -25.82 15.64 -51.74
CA VAL D 135 -24.90 15.87 -52.86
C VAL D 135 -25.60 16.47 -54.10
N PHE D 136 -25.19 17.71 -54.46
CA PHE D 136 -25.65 18.44 -55.64
C PHE D 136 -24.47 18.86 -56.54
N PRO D 137 -24.35 18.30 -57.76
CA PRO D 137 -23.18 18.61 -58.60
C PRO D 137 -23.34 19.86 -59.48
N LEU D 138 -22.85 19.79 -60.75
CA LEU D 138 -22.91 20.86 -61.76
C LEU D 138 -23.71 20.41 -63.02
N ALA D 139 -24.80 21.15 -63.33
CA ALA D 139 -25.76 20.94 -64.43
C ALA D 139 -25.19 21.25 -65.85
N PRO D 140 -25.92 20.95 -66.98
CA PRO D 140 -25.36 21.27 -68.31
C PRO D 140 -25.19 22.77 -68.59
N SER D 141 -24.25 23.11 -69.52
CA SER D 141 -23.87 24.46 -69.98
C SER D 141 -23.32 25.33 -68.83
N SER D 142 -21.97 25.36 -68.68
CA SER D 142 -21.26 26.09 -67.63
C SER D 142 -20.37 27.26 -68.16
N LYS D 143 -19.04 27.18 -67.96
CA LYS D 143 -18.07 28.22 -68.35
C LYS D 143 -17.47 27.99 -69.75
N SER D 144 -16.35 27.23 -69.86
CA SER D 144 -15.62 26.95 -71.10
C SER D 144 -14.84 25.62 -70.99
N THR D 145 -15.22 24.60 -71.80
CA THR D 145 -14.56 23.29 -71.78
C THR D 145 -13.28 23.33 -72.64
N SER D 146 -12.12 23.40 -71.94
CA SER D 146 -10.77 23.47 -72.50
C SER D 146 -9.79 22.68 -71.62
N GLY D 147 -8.51 22.69 -71.99
CA GLY D 147 -7.44 22.02 -71.23
C GLY D 147 -7.10 22.78 -69.96
N GLY D 148 -6.86 24.08 -70.13
CA GLY D 148 -6.51 25.02 -69.06
C GLY D 148 -7.68 25.24 -68.12
N THR D 149 -8.73 25.93 -68.61
CA THR D 149 -9.94 26.16 -67.82
C THR D 149 -10.72 24.84 -67.73
N ALA D 150 -10.37 24.01 -66.72
CA ALA D 150 -10.96 22.69 -66.52
C ALA D 150 -10.98 22.25 -65.04
N ALA D 151 -12.19 22.22 -64.43
CA ALA D 151 -12.49 21.82 -63.04
C ALA D 151 -14.00 21.80 -62.83
N LEU D 152 -14.57 20.63 -62.51
CA LEU D 152 -16.01 20.43 -62.32
C LEU D 152 -16.23 19.39 -61.16
N GLY D 153 -16.89 19.83 -60.08
CA GLY D 153 -17.11 18.99 -58.92
C GLY D 153 -18.43 19.12 -58.19
N CYS D 154 -18.67 18.14 -57.31
CA CYS D 154 -19.86 18.00 -56.47
C CYS D 154 -19.75 18.81 -55.18
N LEU D 155 -20.79 18.73 -54.32
CA LEU D 155 -20.87 19.41 -53.04
C LEU D 155 -21.60 18.52 -52.00
N VAL D 156 -20.84 17.96 -51.02
CA VAL D 156 -21.38 17.10 -49.95
C VAL D 156 -21.68 17.99 -48.72
N LYS D 157 -22.82 18.71 -48.75
CA LYS D 157 -23.26 19.64 -47.71
C LYS D 157 -24.18 18.98 -46.71
N ASP D 158 -24.04 19.40 -45.45
CA ASP D 158 -24.84 19.01 -44.30
C ASP D 158 -24.92 17.48 -44.12
N TYR D 159 -23.93 16.93 -43.39
CA TYR D 159 -23.83 15.51 -43.06
C TYR D 159 -23.20 15.35 -41.69
N PHE D 160 -23.66 14.35 -40.92
CA PHE D 160 -23.16 14.06 -39.58
C PHE D 160 -23.43 12.61 -39.22
N PRO D 161 -22.46 11.88 -38.62
CA PRO D 161 -21.08 12.28 -38.30
C PRO D 161 -20.09 11.89 -39.40
N GLU D 162 -18.77 12.10 -39.15
CA GLU D 162 -17.70 11.72 -40.09
C GLU D 162 -17.51 10.18 -40.07
N PRO D 163 -17.02 9.51 -41.13
CA PRO D 163 -16.51 10.00 -42.42
C PRO D 163 -17.40 9.75 -43.65
N VAL D 164 -17.03 10.40 -44.77
CA VAL D 164 -17.67 10.26 -46.07
C VAL D 164 -16.60 9.89 -47.09
N THR D 165 -16.85 8.82 -47.86
CA THR D 165 -15.92 8.31 -48.88
C THR D 165 -16.32 8.80 -50.28
N VAL D 166 -15.32 9.30 -51.05
CA VAL D 166 -15.46 9.83 -52.42
C VAL D 166 -15.08 8.74 -53.43
N SER D 167 -15.91 8.57 -54.50
CA SER D 167 -15.69 7.60 -55.57
C SER D 167 -16.14 8.12 -56.93
N TRP D 168 -15.30 7.93 -57.96
CA TRP D 168 -15.58 8.31 -59.33
C TRP D 168 -15.37 7.07 -60.19
N ASN D 169 -16.49 6.44 -60.60
CA ASN D 169 -16.57 5.20 -61.38
C ASN D 169 -15.97 3.99 -60.63
N SER D 170 -16.37 3.83 -59.33
CA SER D 170 -15.99 2.77 -58.39
C SER D 170 -14.46 2.52 -58.26
N GLY D 171 -13.69 3.60 -58.33
CA GLY D 171 -12.24 3.55 -58.23
C GLY D 171 -11.55 3.40 -59.57
N ALA D 172 -11.71 4.42 -60.44
CA ALA D 172 -11.10 4.45 -61.76
C ALA D 172 -10.22 5.71 -61.96
N LEU D 173 -10.63 6.85 -61.34
CA LEU D 173 -9.94 8.15 -61.43
C LEU D 173 -8.78 8.28 -60.41
N THR D 174 -7.61 7.73 -60.79
CA THR D 174 -6.38 7.72 -59.99
C THR D 174 -5.56 9.01 -60.16
N SER D 175 -6.01 9.92 -61.05
CA SER D 175 -5.31 11.16 -61.33
C SER D 175 -6.20 12.40 -61.36
N GLY D 176 -5.63 13.52 -60.94
CA GLY D 176 -6.26 14.84 -60.92
C GLY D 176 -7.34 15.08 -59.89
N VAL D 177 -7.74 14.04 -59.13
CA VAL D 177 -8.79 14.11 -58.11
C VAL D 177 -8.26 14.75 -56.82
N HIS D 178 -8.98 15.78 -56.33
CA HIS D 178 -8.68 16.54 -55.11
C HIS D 178 -9.86 16.45 -54.11
N THR D 179 -9.78 15.53 -53.12
CA THR D 179 -10.83 15.33 -52.11
C THR D 179 -10.48 16.17 -50.86
N PHE D 180 -11.02 17.41 -50.83
CA PHE D 180 -10.81 18.40 -49.77
C PHE D 180 -11.28 17.89 -48.39
N PRO D 181 -10.59 18.24 -47.27
CA PRO D 181 -11.01 17.72 -45.96
C PRO D 181 -12.38 18.23 -45.48
N ALA D 182 -13.12 17.34 -44.77
CA ALA D 182 -14.44 17.63 -44.21
C ALA D 182 -14.37 18.73 -43.17
N VAL D 183 -15.21 19.76 -43.32
CA VAL D 183 -15.22 20.90 -42.40
C VAL D 183 -16.63 21.17 -41.89
N LEU D 184 -16.76 21.18 -40.56
CA LEU D 184 -17.98 21.43 -39.82
C LEU D 184 -18.35 22.91 -39.90
N GLN D 185 -19.53 23.21 -40.44
CA GLN D 185 -20.01 24.59 -40.54
C GLN D 185 -20.70 24.99 -39.22
N SER D 186 -21.12 26.27 -39.11
CA SER D 186 -21.85 26.78 -37.95
C SER D 186 -23.17 26.01 -37.83
N SER D 187 -23.57 25.71 -36.58
CA SER D 187 -24.76 24.93 -36.23
C SER D 187 -24.62 23.47 -36.72
N GLY D 188 -23.53 22.83 -36.31
CA GLY D 188 -23.23 21.45 -36.65
C GLY D 188 -23.11 21.15 -38.13
N LEU D 189 -23.06 19.84 -38.45
CA LEU D 189 -22.97 19.20 -39.76
C LEU D 189 -21.69 19.53 -40.56
N TYR D 190 -20.89 18.47 -40.82
CA TYR D 190 -19.66 18.52 -41.61
C TYR D 190 -20.04 18.69 -43.07
N SER D 191 -19.17 19.37 -43.86
CA SER D 191 -19.40 19.60 -45.29
C SER D 191 -18.10 19.67 -46.08
N LEU D 192 -17.87 18.69 -46.96
CA LEU D 192 -16.68 18.61 -47.81
C LEU D 192 -17.00 18.79 -49.28
N SER D 193 -15.98 19.20 -50.06
CA SER D 193 -16.05 19.38 -51.51
C SER D 193 -15.05 18.47 -52.22
N SER D 194 -15.41 17.94 -53.41
CA SER D 194 -14.54 17.06 -54.20
C SER D 194 -14.55 17.45 -55.72
N VAL D 195 -13.44 18.08 -56.18
CA VAL D 195 -13.20 18.55 -57.56
C VAL D 195 -12.34 17.55 -58.37
N VAL D 196 -12.50 17.54 -59.71
CA VAL D 196 -11.76 16.71 -60.66
C VAL D 196 -11.50 17.50 -61.97
N THR D 197 -10.22 17.69 -62.34
CA THR D 197 -9.79 18.41 -63.56
C THR D 197 -10.15 17.57 -64.80
N VAL D 198 -10.99 18.13 -65.69
CA VAL D 198 -11.55 17.48 -66.88
C VAL D 198 -10.73 17.72 -68.19
N PRO D 199 -10.79 16.81 -69.22
CA PRO D 199 -10.05 17.07 -70.48
C PRO D 199 -10.64 18.23 -71.30
N SER D 200 -10.05 18.50 -72.50
CA SER D 200 -10.47 19.61 -73.37
C SER D 200 -11.93 19.52 -73.87
N SER D 201 -12.27 18.48 -74.65
CA SER D 201 -13.63 18.32 -75.16
C SER D 201 -14.16 16.89 -74.97
N SER D 202 -14.03 16.39 -73.73
CA SER D 202 -14.50 15.05 -73.33
C SER D 202 -15.80 15.16 -72.53
N LEU D 203 -16.67 16.14 -72.91
CA LEU D 203 -17.97 16.38 -72.25
C LEU D 203 -18.95 15.21 -72.41
N GLY D 204 -18.92 14.58 -73.58
CA GLY D 204 -19.77 13.45 -73.92
C GLY D 204 -19.12 12.12 -73.59
N THR D 205 -18.29 11.62 -74.53
CA THR D 205 -17.51 10.36 -74.53
C THR D 205 -17.99 9.34 -73.49
N GLN D 206 -17.54 9.48 -72.23
CA GLN D 206 -17.91 8.65 -71.09
C GLN D 206 -18.11 9.60 -69.90
N THR D 207 -19.37 9.74 -69.43
CA THR D 207 -19.73 10.64 -68.32
C THR D 207 -19.29 10.08 -66.97
N TYR D 208 -18.58 10.93 -66.20
CA TYR D 208 -18.06 10.61 -64.86
C TYR D 208 -19.15 10.60 -63.80
N ILE D 209 -19.22 9.52 -63.02
CA ILE D 209 -20.23 9.37 -61.97
C ILE D 209 -19.70 9.80 -60.61
N CYS D 210 -20.47 10.68 -59.93
CA CYS D 210 -20.19 11.26 -58.63
C CYS D 210 -20.79 10.38 -57.52
N ASN D 211 -20.02 9.39 -57.02
CA ASN D 211 -20.44 8.47 -55.95
C ASN D 211 -19.98 8.98 -54.58
N VAL D 212 -20.85 8.85 -53.55
CA VAL D 212 -20.59 9.27 -52.16
C VAL D 212 -21.08 8.16 -51.20
N ASN D 213 -20.18 7.67 -50.33
CA ASN D 213 -20.49 6.62 -49.35
C ASN D 213 -20.49 7.16 -47.92
N HIS D 214 -21.59 6.90 -47.17
CA HIS D 214 -21.81 7.32 -45.79
C HIS D 214 -22.14 6.07 -44.98
N LYS D 215 -21.16 5.58 -44.19
CA LYS D 215 -21.36 4.36 -43.38
C LYS D 215 -22.26 4.58 -42.13
N PRO D 216 -22.36 5.77 -41.48
CA PRO D 216 -23.24 5.88 -40.29
C PRO D 216 -24.74 5.77 -40.56
N SER D 217 -25.32 6.67 -41.37
CA SER D 217 -26.75 6.67 -41.70
C SER D 217 -27.12 5.72 -42.88
N ASN D 218 -26.10 5.02 -43.45
CA ASN D 218 -26.19 4.06 -44.56
C ASN D 218 -26.81 4.66 -45.85
N THR D 219 -26.37 5.89 -46.21
CA THR D 219 -26.80 6.62 -47.41
C THR D 219 -25.77 6.50 -48.53
N LYS D 220 -26.23 6.32 -49.77
CA LYS D 220 -25.41 6.23 -50.98
C LYS D 220 -26.00 7.14 -52.06
N VAL D 221 -25.21 8.12 -52.54
CA VAL D 221 -25.63 9.09 -53.57
C VAL D 221 -24.92 8.79 -54.91
N ASP D 222 -25.70 8.73 -56.02
CA ASP D 222 -25.20 8.45 -57.37
C ASP D 222 -25.51 9.58 -58.39
N LYS D 223 -25.78 10.82 -57.91
CA LYS D 223 -26.06 11.98 -58.75
C LYS D 223 -24.74 12.50 -59.38
N ARG D 224 -24.55 12.24 -60.69
CA ARG D 224 -23.36 12.56 -61.50
C ARG D 224 -23.33 14.02 -62.02
N VAL D 225 -22.13 14.45 -62.50
CA VAL D 225 -21.90 15.79 -63.07
C VAL D 225 -22.20 15.72 -64.60
N GLU D 226 -22.91 16.76 -65.13
CA GLU D 226 -23.42 17.00 -66.51
C GLU D 226 -23.04 15.88 -67.56
N PRO D 227 -24.09 15.10 -67.99
CA PRO D 227 -23.80 14.05 -68.95
C PRO D 227 -23.62 14.52 -70.37
#